data_8BEQ
#
_entry.id   8BEQ
#
_cell.length_a   103.383
_cell.length_b   108.235
_cell.length_c   196.599
_cell.angle_alpha   90.000
_cell.angle_beta   90.000
_cell.angle_gamma   90.000
#
_symmetry.space_group_name_H-M   'C 2 2 21'
#
loop_
_entity.id
_entity.type
_entity.pdbx_description
1 polymer 'Fructofuranosidase from Rhodotorula dairenensis'
2 branched beta-D-mannopyranose-(1-4)-2-acetamido-2-deoxy-beta-D-glucopyranose-(1-4)-2-acetamido-2-deoxy-beta-D-glucopyranose
3 branched 2-acetamido-2-deoxy-beta-D-glucopyranose-(1-4)-2-acetamido-2-deoxy-beta-D-glucopyranose
4 non-polymer alpha-D-mannopyranose
5 non-polymer 2-acetamido-2-deoxy-beta-D-glucopyranose
6 non-polymer DI(HYDROXYETHYL)ETHER
7 non-polymer GLYCEROL
8 non-polymer 2-[BIS-(2-HYDROXY-ETHYL)-AMINO]-2-HYDROXYMETHYL-PROPANE-1,3-DIOL
9 water water
#
_entity_poly.entity_id   1
_entity_poly.type   'polypeptide(L)'
_entity_poly.pdbx_seq_one_letter_code
;MKFTLLSVVAIAAAASDSYAAPAASSLAGPVTTGVFSAVSAIPSFATNLSGQVASATSTVLSGSTASGSSATAAPSASAS
GASSMQSMASSLSGSAFSPSSMMPIASGNMTMPNMTSSASASSAASTATGVAGGAGSNSSSSCAPTSLPASATELPTTVP
TGTVITGDYTGSYRPQVHYSPPKGFMNDPNGCHRDRNGTYHLYYQYNPLEYVAGNQHWGHATSDDLYHWTNQPIAIFPPN
STSQVFSGSAVLDPNNTSGFFPNTTDGVVAVYTLNTPTLQVQEVAYSTDGGYNFTPYENNPVLSVGSNQFRDPKVFWYED
HWVMAVAAANDFTIEIYTSPNLTSWTFASNFTHHGLLGLAYECPNLVQVPFQDDPSKSAWLMYISINPGAPLGGSVGQYF
PGDFNGTHFVAYDSAARIADFAKDNYASQWFADTENGESISIAWASNWQYTQQVPTSAQAFRSAMSLPRRNYLTNITRLG
WDLVSLPYDLSPVVGPSLLSSSEANSTADVDFTNVTSNAVWFSLNVTLPDAAIQNASLISADASINITFLPSTKCSSSSG
SGSDSPAATLTYFYAGLTNGALALTRPAASSSWGAENPFFTDKFSYTLVDPLTSLVGVFDRSMLEVFVNEGAHSATMLVF
PDSPVGSMKVATGGLPEGTQVNLQVNGLESTWQSS
;
_entity_poly.pdbx_strand_id   A,B
#
# COMPACT_ATOMS: atom_id res chain seq x y z
N SER A 140 11.69 -42.23 -12.86
CA SER A 140 11.01 -40.94 -12.51
C SER A 140 11.71 -40.31 -11.31
N SER A 141 11.87 -38.98 -11.31
CA SER A 141 12.43 -38.20 -10.18
C SER A 141 11.46 -38.25 -9.00
N SER A 142 11.96 -38.05 -7.79
CA SER A 142 11.08 -37.88 -6.60
C SER A 142 10.90 -36.39 -6.29
N CYS A 143 11.85 -35.53 -6.69
CA CYS A 143 11.80 -34.07 -6.39
C CYS A 143 12.10 -33.27 -7.64
N ALA A 144 11.35 -32.20 -7.85
CA ALA A 144 11.60 -31.26 -8.97
C ALA A 144 13.02 -30.73 -8.82
N PRO A 145 13.79 -30.63 -9.94
CA PRO A 145 15.12 -30.02 -9.89
C PRO A 145 15.03 -28.54 -9.50
N THR A 146 16.02 -28.08 -8.74
CA THR A 146 16.11 -26.66 -8.27
C THR A 146 16.96 -25.86 -9.25
N SER A 147 17.78 -26.54 -10.03
CA SER A 147 18.64 -25.93 -11.07
C SER A 147 18.61 -26.87 -12.26
N LEU A 148 18.63 -26.32 -13.47
CA LEU A 148 18.45 -27.13 -14.70
C LEU A 148 19.76 -27.19 -15.46
N PRO A 149 19.91 -28.17 -16.37
CA PRO A 149 21.07 -28.24 -17.25
C PRO A 149 21.18 -26.97 -18.10
N ALA A 150 22.42 -26.60 -18.44
CA ALA A 150 22.75 -25.36 -19.19
C ALA A 150 22.03 -25.35 -20.54
N SER A 151 21.77 -26.52 -21.13
CA SER A 151 21.04 -26.64 -22.43
C SER A 151 19.60 -26.10 -22.29
N ALA A 152 18.99 -26.27 -21.12
CA ALA A 152 17.58 -25.87 -20.89
C ALA A 152 17.51 -24.36 -20.58
N THR A 153 18.60 -23.74 -20.11
CA THR A 153 18.58 -22.33 -19.63
C THR A 153 19.33 -21.40 -20.59
N GLU A 154 20.25 -21.92 -21.40
CA GLU A 154 21.05 -21.02 -22.27
C GLU A 154 20.13 -20.44 -23.33
N LEU A 155 20.23 -19.14 -23.57
CA LEU A 155 19.33 -18.41 -24.48
C LEU A 155 20.02 -18.20 -25.81
N PRO A 156 19.28 -18.24 -26.93
CA PRO A 156 19.89 -18.02 -28.24
C PRO A 156 20.48 -16.60 -28.31
N THR A 157 21.47 -16.42 -29.17
CA THR A 157 22.14 -15.11 -29.40
C THR A 157 21.40 -14.36 -30.51
N THR A 158 20.60 -15.06 -31.31
CA THR A 158 19.70 -14.43 -32.32
C THR A 158 18.27 -14.91 -32.06
N VAL A 159 17.30 -14.05 -32.33
CA VAL A 159 15.88 -14.38 -32.06
C VAL A 159 15.41 -15.38 -33.10
N PRO A 160 14.95 -16.58 -32.69
CA PRO A 160 14.40 -17.54 -33.62
C PRO A 160 13.12 -17.03 -34.30
N THR A 161 13.07 -17.14 -35.63
CA THR A 161 11.88 -16.84 -36.44
C THR A 161 11.27 -18.15 -36.94
N GLY A 162 9.95 -18.26 -36.87
CA GLY A 162 9.20 -19.41 -37.42
C GLY A 162 9.35 -20.64 -36.57
N THR A 163 10.02 -20.57 -35.42
CA THR A 163 10.26 -21.77 -34.58
C THR A 163 9.74 -21.54 -33.17
N VAL A 164 9.07 -22.55 -32.59
CA VAL A 164 8.67 -22.56 -31.16
C VAL A 164 9.91 -22.80 -30.32
N ILE A 165 10.18 -21.91 -29.37
CA ILE A 165 11.31 -22.09 -28.42
C ILE A 165 10.94 -23.20 -27.45
N THR A 166 11.86 -24.16 -27.28
CA THR A 166 11.61 -25.37 -26.46
C THR A 166 11.87 -25.00 -25.01
N GLY A 167 11.04 -25.54 -24.13
CA GLY A 167 11.11 -25.18 -22.71
C GLY A 167 11.10 -26.41 -21.84
N ASP A 168 11.91 -26.36 -20.79
CA ASP A 168 11.90 -27.33 -19.68
C ASP A 168 11.05 -26.73 -18.56
N TYR A 169 9.91 -27.36 -18.26
CA TYR A 169 8.90 -26.86 -17.30
C TYR A 169 8.95 -27.63 -15.97
N THR A 170 10.11 -28.14 -15.54
CA THR A 170 10.17 -29.08 -14.41
C THR A 170 10.75 -28.43 -13.15
N GLY A 171 11.24 -27.20 -13.22
CA GLY A 171 11.88 -26.55 -12.06
C GLY A 171 10.96 -26.49 -10.85
N SER A 172 11.55 -26.57 -9.65
CA SER A 172 10.82 -26.52 -8.36
C SER A 172 10.03 -25.23 -8.20
N TYR A 173 10.36 -24.15 -8.92
CA TYR A 173 9.60 -22.88 -8.89
C TYR A 173 8.69 -22.73 -10.12
N ARG A 174 8.77 -23.63 -11.09
CA ARG A 174 8.02 -23.45 -12.36
C ARG A 174 6.56 -23.73 -12.09
N PRO A 175 5.65 -22.74 -12.20
CA PRO A 175 4.24 -23.00 -11.98
C PRO A 175 3.73 -24.02 -13.01
N GLN A 176 2.83 -24.89 -12.58
CA GLN A 176 2.33 -26.03 -13.39
C GLN A 176 0.92 -25.76 -13.94
N VAL A 177 0.19 -24.75 -13.47
CA VAL A 177 -1.15 -24.40 -14.04
C VAL A 177 -1.21 -22.92 -14.43
N HIS A 178 -0.10 -22.19 -14.33
CA HIS A 178 0.02 -20.80 -14.83
C HIS A 178 0.88 -20.81 -16.09
N TYR A 179 0.70 -19.84 -16.97
CA TYR A 179 1.57 -19.69 -18.17
C TYR A 179 2.90 -19.07 -17.75
N SER A 180 3.99 -19.63 -18.29
CA SER A 180 5.35 -19.06 -18.17
C SER A 180 6.05 -19.31 -19.50
N PRO A 181 6.98 -18.43 -19.94
CA PRO A 181 7.61 -18.60 -21.25
C PRO A 181 8.57 -19.80 -21.21
N PRO A 182 8.80 -20.48 -22.34
CA PRO A 182 9.64 -21.69 -22.35
C PRO A 182 11.05 -21.38 -21.84
N LYS A 183 11.63 -20.28 -22.32
CA LYS A 183 12.89 -19.70 -21.80
C LYS A 183 12.78 -18.18 -21.85
N GLY A 184 13.56 -17.51 -21.03
CA GLY A 184 13.75 -16.05 -21.13
C GLY A 184 12.84 -15.30 -20.17
N PHE A 185 12.65 -14.02 -20.45
CA PHE A 185 11.96 -13.07 -19.55
C PHE A 185 10.66 -12.60 -20.21
N MET A 186 9.58 -12.71 -19.47
CA MET A 186 8.25 -12.29 -19.93
C MET A 186 7.72 -11.16 -19.03
N ASN A 187 6.99 -10.20 -19.58
CA ASN A 187 6.19 -9.30 -18.73
C ASN A 187 4.75 -9.21 -19.31
N ASP A 188 4.29 -8.02 -19.62
CA ASP A 188 2.84 -7.72 -19.80
C ASP A 188 2.17 -8.70 -20.76
N PRO A 189 0.96 -9.22 -20.45
CA PRO A 189 0.12 -9.86 -21.45
C PRO A 189 -0.30 -8.87 -22.54
N ASN A 190 -0.35 -9.35 -23.77
CA ASN A 190 -0.57 -8.51 -24.97
C ASN A 190 -1.51 -9.26 -25.90
N GLY A 191 -2.23 -8.50 -26.73
CA GLY A 191 -3.01 -9.02 -27.86
C GLY A 191 -4.01 -10.10 -27.46
N CYS A 192 -4.47 -10.10 -26.22
CA CYS A 192 -5.34 -11.19 -25.69
C CYS A 192 -6.69 -11.18 -26.41
N HIS A 193 -7.08 -12.32 -26.97
CA HIS A 193 -8.35 -12.44 -27.72
C HIS A 193 -8.70 -13.91 -27.91
N ARG A 194 -9.99 -14.18 -28.11
CA ARG A 194 -10.51 -15.51 -28.48
C ARG A 194 -10.81 -15.48 -29.98
N ASP A 195 -10.20 -16.40 -30.75
CA ASP A 195 -10.48 -16.49 -32.21
C ASP A 195 -11.86 -17.14 -32.40
N ARG A 196 -12.32 -17.25 -33.65
CA ARG A 196 -13.71 -17.73 -33.94
C ARG A 196 -13.85 -19.22 -33.63
N ASN A 197 -12.74 -19.95 -33.63
CA ASN A 197 -12.70 -21.41 -33.32
C ASN A 197 -12.75 -21.64 -31.80
N GLY A 198 -12.78 -20.57 -30.98
CA GLY A 198 -12.81 -20.71 -29.52
C GLY A 198 -11.41 -20.87 -28.94
N THR A 199 -10.36 -20.72 -29.75
CA THR A 199 -8.97 -20.75 -29.27
C THR A 199 -8.60 -19.39 -28.64
N TYR A 200 -8.14 -19.40 -27.40
CA TYR A 200 -7.62 -18.20 -26.73
C TYR A 200 -6.18 -17.96 -27.18
N HIS A 201 -5.88 -16.74 -27.59
CA HIS A 201 -4.51 -16.31 -27.93
C HIS A 201 -4.00 -15.39 -26.83
N LEU A 202 -2.91 -15.80 -26.18
CA LEU A 202 -2.14 -14.96 -25.26
C LEU A 202 -0.85 -14.53 -25.96
N TYR A 203 -0.59 -13.24 -26.09
CA TYR A 203 0.75 -12.74 -26.45
C TYR A 203 1.34 -12.11 -25.22
N TYR A 204 2.62 -11.76 -25.27
CA TYR A 204 3.28 -11.21 -24.08
C TYR A 204 4.59 -10.52 -24.45
N GLN A 205 4.90 -9.46 -23.70
CA GLN A 205 6.21 -8.81 -23.77
C GLN A 205 7.27 -9.87 -23.46
N TYR A 206 8.23 -10.05 -24.37
CA TYR A 206 9.16 -11.19 -24.34
C TYR A 206 10.57 -10.72 -24.68
N ASN A 207 11.53 -10.99 -23.79
CA ASN A 207 12.98 -10.90 -24.10
C ASN A 207 13.49 -12.31 -24.34
N PRO A 208 13.65 -12.73 -25.61
CA PRO A 208 14.09 -14.09 -25.87
C PRO A 208 15.60 -14.26 -25.65
N LEU A 209 16.32 -13.16 -25.40
CA LEU A 209 17.82 -13.13 -25.38
C LEU A 209 18.37 -12.98 -23.97
N GLU A 210 17.57 -12.60 -22.97
CA GLU A 210 18.08 -12.36 -21.59
C GLU A 210 16.98 -12.71 -20.59
N TYR A 211 17.37 -12.80 -19.32
CA TYR A 211 16.44 -13.05 -18.20
C TYR A 211 16.08 -11.72 -17.51
N VAL A 212 16.17 -10.62 -18.23
CA VAL A 212 15.71 -9.28 -17.76
C VAL A 212 14.92 -8.65 -18.89
N ALA A 213 14.26 -7.54 -18.61
CA ALA A 213 13.39 -6.87 -19.59
C ALA A 213 14.29 -6.30 -20.69
N GLY A 214 13.80 -6.30 -21.93
CA GLY A 214 14.47 -5.68 -23.08
C GLY A 214 14.17 -6.44 -24.35
N ASN A 215 14.69 -5.95 -25.48
CA ASN A 215 14.60 -6.62 -26.81
C ASN A 215 13.18 -7.09 -27.05
N GLN A 216 12.18 -6.30 -26.67
CA GLN A 216 10.79 -6.82 -26.55
C GLN A 216 10.29 -7.24 -27.92
N HIS A 217 9.84 -8.50 -27.97
CA HIS A 217 9.00 -9.10 -29.02
C HIS A 217 7.67 -9.46 -28.41
N TRP A 218 6.70 -9.86 -29.23
CA TRP A 218 5.48 -10.53 -28.72
C TRP A 218 5.69 -12.04 -28.80
N GLY A 219 5.80 -12.70 -27.66
CA GLY A 219 5.63 -14.16 -27.56
C GLY A 219 4.18 -14.51 -27.76
N HIS A 220 3.90 -15.79 -28.00
CA HIS A 220 2.54 -16.27 -28.35
C HIS A 220 2.34 -17.66 -27.78
N ALA A 221 1.22 -17.86 -27.09
CA ALA A 221 0.75 -19.19 -26.66
C ALA A 221 -0.75 -19.25 -26.89
N THR A 222 -1.27 -20.45 -27.15
CA THR A 222 -2.70 -20.68 -27.41
C THR A 222 -3.25 -21.69 -26.41
N SER A 223 -4.54 -21.61 -26.17
CA SER A 223 -5.25 -22.54 -25.27
C SER A 223 -6.71 -22.52 -25.64
N ASP A 224 -7.39 -23.64 -25.43
CA ASP A 224 -8.87 -23.72 -25.55
C ASP A 224 -9.51 -23.50 -24.18
N ASP A 225 -8.75 -23.63 -23.08
CA ASP A 225 -9.35 -23.62 -21.72
C ASP A 225 -8.63 -22.64 -20.77
N LEU A 226 -7.59 -21.95 -21.25
CA LEU A 226 -6.79 -20.96 -20.49
C LEU A 226 -5.97 -21.63 -19.37
N TYR A 227 -5.78 -22.96 -19.44
CA TYR A 227 -4.89 -23.69 -18.51
C TYR A 227 -3.88 -24.54 -19.29
N HIS A 228 -4.33 -25.27 -20.30
CA HIS A 228 -3.43 -26.07 -21.18
C HIS A 228 -2.95 -25.18 -22.31
N TRP A 229 -1.71 -24.72 -22.22
CA TRP A 229 -1.11 -23.77 -23.17
C TRP A 229 -0.22 -24.50 -24.16
N THR A 230 -0.24 -24.03 -25.40
CA THR A 230 0.66 -24.46 -26.46
C THR A 230 1.52 -23.27 -26.86
N ASN A 231 2.82 -23.40 -26.70
CA ASN A 231 3.78 -22.36 -27.13
C ASN A 231 3.79 -22.29 -28.65
N GLN A 232 3.87 -21.07 -29.16
CA GLN A 232 3.83 -20.79 -30.61
C GLN A 232 5.09 -20.02 -30.94
N PRO A 233 5.42 -19.88 -32.25
CA PRO A 233 6.55 -19.03 -32.62
C PRO A 233 6.26 -17.58 -32.20
N ILE A 234 7.31 -16.79 -32.17
CA ILE A 234 7.22 -15.35 -31.84
C ILE A 234 6.31 -14.70 -32.88
N ALA A 235 5.36 -13.87 -32.44
CA ALA A 235 4.28 -13.34 -33.31
C ALA A 235 4.69 -12.00 -33.93
N ILE A 236 5.28 -11.09 -33.16
CA ILE A 236 5.65 -9.75 -33.71
C ILE A 236 7.09 -9.44 -33.30
N PHE A 237 7.87 -8.99 -34.29
CA PHE A 237 9.31 -8.67 -34.17
C PHE A 237 9.49 -7.18 -34.40
N PRO A 238 10.48 -6.55 -33.74
CA PRO A 238 10.80 -5.16 -34.03
C PRO A 238 11.40 -5.06 -35.43
N PRO A 239 11.37 -3.88 -36.06
CA PRO A 239 11.92 -3.71 -37.41
C PRO A 239 13.45 -3.83 -37.48
N ASN A 240 14.13 -3.61 -36.35
CA ASN A 240 15.61 -3.63 -36.28
C ASN A 240 16.02 -3.90 -34.83
N SER A 241 17.32 -3.85 -34.55
CA SER A 241 17.91 -4.16 -33.22
C SER A 241 17.83 -2.96 -32.28
N THR A 242 17.45 -1.78 -32.78
CA THR A 242 17.37 -0.55 -31.95
C THR A 242 15.92 -0.14 -31.72
N SER A 243 14.98 -1.05 -31.91
CA SER A 243 13.54 -0.80 -31.63
C SER A 243 12.95 -2.01 -30.91
N GLN A 244 11.85 -1.80 -30.19
CA GLN A 244 11.21 -2.88 -29.39
C GLN A 244 9.71 -2.83 -29.63
N VAL A 245 9.09 -4.00 -29.61
CA VAL A 245 7.62 -4.13 -29.74
C VAL A 245 7.08 -4.08 -28.32
N PHE A 246 6.57 -2.92 -27.93
CA PHE A 246 5.97 -2.72 -26.60
C PHE A 246 4.54 -3.22 -26.62
N SER A 247 3.82 -2.93 -25.54
CA SER A 247 2.53 -3.57 -25.26
C SER A 247 1.46 -3.08 -26.26
N GLY A 248 0.43 -3.88 -26.40
CA GLY A 248 -0.71 -3.53 -27.23
C GLY A 248 -1.78 -4.57 -27.13
N SER A 249 -2.72 -4.50 -28.04
CA SER A 249 -3.96 -5.29 -27.99
C SER A 249 -4.21 -5.89 -29.37
N ALA A 250 -5.17 -6.78 -29.45
CA ALA A 250 -5.55 -7.36 -30.75
C ALA A 250 -7.05 -7.51 -30.81
N VAL A 251 -7.60 -7.38 -32.02
CA VAL A 251 -9.05 -7.53 -32.24
C VAL A 251 -9.27 -8.36 -33.50
N LEU A 252 -10.36 -9.12 -33.53
CA LEU A 252 -10.89 -9.69 -34.78
C LEU A 252 -11.52 -8.57 -35.60
N ASP A 253 -11.32 -8.61 -36.92
CA ASP A 253 -11.95 -7.65 -37.86
C ASP A 253 -12.73 -8.46 -38.88
N PRO A 254 -13.81 -9.16 -38.47
CA PRO A 254 -14.50 -10.08 -39.39
C PRO A 254 -15.21 -9.36 -40.55
N ASN A 255 -15.55 -8.08 -40.40
CA ASN A 255 -16.29 -7.28 -41.42
C ASN A 255 -15.29 -6.49 -42.27
N ASN A 256 -13.99 -6.71 -42.11
CA ASN A 256 -12.94 -6.10 -42.94
C ASN A 256 -13.07 -4.57 -42.91
N THR A 257 -13.35 -3.97 -41.74
CA THR A 257 -13.33 -2.49 -41.60
C THR A 257 -11.94 -1.98 -41.97
N SER A 258 -10.90 -2.75 -41.70
CA SER A 258 -9.50 -2.31 -41.89
C SER A 258 -9.15 -2.23 -43.37
N GLY A 259 -9.78 -3.06 -44.20
CA GLY A 259 -9.38 -3.24 -45.61
C GLY A 259 -8.33 -4.32 -45.79
N PHE A 260 -7.81 -4.92 -44.71
CA PHE A 260 -6.71 -5.94 -44.78
C PHE A 260 -7.24 -7.31 -45.19
N PHE A 261 -8.55 -7.54 -45.14
CA PHE A 261 -9.13 -8.89 -45.14
C PHE A 261 -10.23 -9.02 -46.20
N PRO A 262 -9.94 -8.73 -47.49
CA PRO A 262 -10.98 -8.84 -48.52
C PRO A 262 -11.52 -10.26 -48.71
N ASN A 263 -10.76 -11.30 -48.33
CA ASN A 263 -11.16 -12.70 -48.64
C ASN A 263 -11.24 -13.57 -47.38
N THR A 264 -11.36 -12.97 -46.19
CA THR A 264 -11.44 -13.77 -44.95
C THR A 264 -12.27 -13.02 -43.91
N THR A 265 -12.92 -13.78 -43.05
CA THR A 265 -13.64 -13.23 -41.87
C THR A 265 -12.90 -13.58 -40.56
N ASP A 266 -11.63 -14.00 -40.65
CA ASP A 266 -10.81 -14.45 -39.50
C ASP A 266 -9.63 -13.48 -39.29
N GLY A 267 -9.66 -12.31 -39.93
CA GLY A 267 -8.58 -11.32 -39.81
C GLY A 267 -8.37 -10.93 -38.36
N VAL A 268 -7.12 -10.81 -37.96
CA VAL A 268 -6.73 -10.32 -36.61
C VAL A 268 -5.88 -9.10 -36.86
N VAL A 269 -6.20 -8.00 -36.18
CA VAL A 269 -5.37 -6.77 -36.19
C VAL A 269 -4.73 -6.57 -34.81
N ALA A 270 -3.41 -6.44 -34.77
CA ALA A 270 -2.66 -6.10 -33.53
C ALA A 270 -2.39 -4.61 -33.58
N VAL A 271 -2.65 -3.94 -32.46
CA VAL A 271 -2.27 -2.51 -32.29
C VAL A 271 -1.35 -2.43 -31.08
N TYR A 272 -0.14 -1.96 -31.30
CA TYR A 272 0.95 -2.03 -30.30
C TYR A 272 1.79 -0.78 -30.44
N THR A 273 2.51 -0.49 -29.35
CA THR A 273 3.51 0.58 -29.29
C THR A 273 4.83 0.06 -29.86
N LEU A 274 5.42 0.82 -30.79
CA LEU A 274 6.82 0.59 -31.18
C LEU A 274 7.69 1.58 -30.40
N ASN A 275 8.60 1.05 -29.60
CA ASN A 275 9.54 1.86 -28.82
C ASN A 275 10.81 2.03 -29.64
N THR A 276 11.23 3.28 -29.85
CA THR A 276 12.53 3.69 -30.43
C THR A 276 13.28 4.48 -29.38
N PRO A 277 14.58 4.78 -29.54
CA PRO A 277 15.29 5.55 -28.53
C PRO A 277 14.63 6.90 -28.21
N THR A 278 14.00 7.54 -29.19
CA THR A 278 13.45 8.91 -29.02
C THR A 278 11.92 8.94 -29.02
N LEU A 279 11.23 7.92 -29.52
CA LEU A 279 9.76 8.00 -29.67
C LEU A 279 9.08 6.71 -29.22
N GLN A 280 7.82 6.86 -28.84
CA GLN A 280 6.86 5.76 -28.67
C GLN A 280 5.68 6.09 -29.57
N VAL A 281 5.42 5.22 -30.54
CA VAL A 281 4.36 5.45 -31.56
C VAL A 281 3.49 4.21 -31.59
N GLN A 282 2.29 4.35 -32.11
CA GLN A 282 1.35 3.22 -32.21
C GLN A 282 1.42 2.71 -33.64
N GLU A 283 1.45 1.39 -33.78
CA GLU A 283 1.61 0.70 -35.06
C GLU A 283 0.54 -0.37 -35.17
N VAL A 284 0.22 -0.72 -36.40
CA VAL A 284 -0.74 -1.80 -36.72
C VAL A 284 0.02 -2.91 -37.45
N ALA A 285 -0.35 -4.15 -37.15
CA ALA A 285 0.02 -5.33 -37.94
C ALA A 285 -1.20 -6.24 -38.05
N TYR A 286 -1.30 -6.98 -39.13
CA TYR A 286 -2.50 -7.83 -39.38
C TYR A 286 -2.05 -9.27 -39.65
N SER A 287 -2.90 -10.20 -39.24
CA SER A 287 -2.68 -11.65 -39.48
C SER A 287 -3.88 -12.21 -40.22
N THR A 288 -3.62 -12.98 -41.28
CA THR A 288 -4.65 -13.73 -42.03
C THR A 288 -4.57 -15.23 -41.71
N ASP A 289 -3.62 -15.68 -40.89
CA ASP A 289 -3.48 -17.14 -40.61
C ASP A 289 -4.01 -17.46 -39.22
N GLY A 290 -4.77 -16.57 -38.60
CA GLY A 290 -5.41 -16.78 -37.30
C GLY A 290 -4.58 -16.27 -36.13
N GLY A 291 -3.61 -15.39 -36.38
CA GLY A 291 -2.88 -14.68 -35.31
C GLY A 291 -1.53 -15.29 -35.00
N TYR A 292 -0.92 -16.02 -35.93
CA TYR A 292 0.40 -16.67 -35.74
C TYR A 292 1.49 -15.82 -36.37
N ASN A 293 1.23 -15.34 -37.58
CA ASN A 293 2.20 -14.57 -38.40
C ASN A 293 1.55 -13.26 -38.77
N PHE A 294 2.27 -12.16 -38.55
CA PHE A 294 1.76 -10.79 -38.73
C PHE A 294 2.58 -10.07 -39.80
N THR A 295 1.88 -9.19 -40.53
CA THR A 295 2.50 -8.30 -41.52
C THR A 295 2.28 -6.85 -41.05
N PRO A 296 3.32 -6.00 -41.05
CA PRO A 296 3.14 -4.60 -40.69
C PRO A 296 2.26 -3.88 -41.71
N TYR A 297 1.44 -2.96 -41.22
CA TYR A 297 0.72 -2.00 -42.09
C TYR A 297 1.77 -1.16 -42.82
N GLU A 298 1.61 -1.01 -44.13
CA GLU A 298 2.58 -0.31 -45.02
C GLU A 298 2.79 1.14 -44.58
N ASN A 299 1.80 1.80 -43.96
CA ASN A 299 1.90 3.25 -43.64
C ASN A 299 2.05 3.47 -42.13
N ASN A 300 2.63 2.50 -41.40
CA ASN A 300 2.95 2.68 -39.96
C ASN A 300 3.86 3.89 -39.82
N PRO A 301 3.82 4.64 -38.71
CA PRO A 301 2.90 4.38 -37.59
C PRO A 301 1.51 4.98 -37.81
N VAL A 302 0.50 4.44 -37.12
CA VAL A 302 -0.91 4.93 -37.28
C VAL A 302 -1.17 6.08 -36.30
N LEU A 303 -0.33 6.28 -35.30
CA LEU A 303 -0.56 7.38 -34.34
C LEU A 303 0.73 7.74 -33.61
N SER A 304 1.18 8.97 -33.83
CA SER A 304 2.30 9.57 -33.09
C SER A 304 1.91 10.98 -32.63
N VAL A 305 2.29 11.35 -31.42
CA VAL A 305 2.04 12.71 -30.87
C VAL A 305 3.40 13.37 -30.57
N GLY A 306 4.49 12.82 -31.13
CA GLY A 306 5.85 13.35 -30.88
C GLY A 306 6.28 13.13 -29.44
N SER A 307 5.88 12.02 -28.82
CA SER A 307 6.18 11.74 -27.39
C SER A 307 7.02 10.47 -27.29
N ASN A 308 7.77 10.40 -26.21
CA ASN A 308 8.57 9.24 -25.78
C ASN A 308 7.87 8.52 -24.61
N GLN A 309 6.64 8.91 -24.29
CA GLN A 309 5.87 8.33 -23.15
C GLN A 309 4.41 8.24 -23.58
N PHE A 310 4.12 7.29 -24.46
CA PHE A 310 2.87 7.21 -25.22
C PHE A 310 2.67 5.77 -25.67
N ARG A 311 1.93 4.97 -24.90
CA ARG A 311 2.04 3.51 -25.06
C ARG A 311 0.82 2.74 -24.54
N ASP A 312 0.77 1.47 -24.97
CA ASP A 312 -0.11 0.37 -24.48
C ASP A 312 -1.54 0.57 -24.98
N PRO A 313 -1.76 0.65 -26.31
CA PRO A 313 -3.11 0.87 -26.82
C PRO A 313 -3.94 -0.39 -26.64
N LYS A 314 -5.12 -0.22 -26.04
CA LYS A 314 -6.15 -1.26 -25.94
C LYS A 314 -7.30 -0.82 -26.84
N VAL A 315 -7.54 -1.58 -27.90
CA VAL A 315 -8.56 -1.21 -28.92
C VAL A 315 -9.73 -2.18 -28.83
N PHE A 316 -10.92 -1.66 -29.08
CA PHE A 316 -12.17 -2.46 -29.04
C PHE A 316 -13.21 -1.78 -29.91
N TRP A 317 -14.17 -2.57 -30.34
CA TRP A 317 -15.35 -2.11 -31.11
C TRP A 317 -16.40 -1.54 -30.16
N TYR A 318 -16.91 -0.34 -30.46
CA TYR A 318 -18.07 0.24 -29.77
C TYR A 318 -19.09 0.70 -30.81
N GLU A 319 -20.08 -0.15 -31.07
CA GLU A 319 -21.30 0.13 -31.88
C GLU A 319 -20.96 0.34 -33.36
N ASP A 320 -20.25 1.42 -33.69
CA ASP A 320 -20.08 1.86 -35.10
C ASP A 320 -18.63 2.27 -35.37
N HIS A 321 -17.71 2.10 -34.43
CA HIS A 321 -16.33 2.57 -34.64
C HIS A 321 -15.41 1.86 -33.66
N TRP A 322 -14.12 1.94 -33.95
CA TRP A 322 -13.05 1.42 -33.08
C TRP A 322 -12.69 2.49 -32.06
N VAL A 323 -12.41 2.04 -30.85
CA VAL A 323 -11.96 2.91 -29.74
C VAL A 323 -10.55 2.43 -29.35
N MET A 324 -9.65 3.38 -29.13
CA MET A 324 -8.33 3.10 -28.55
C MET A 324 -8.24 3.87 -27.24
N ALA A 325 -7.97 3.17 -26.15
CA ALA A 325 -7.45 3.77 -24.90
C ALA A 325 -5.92 3.61 -24.89
N VAL A 326 -5.19 4.73 -24.77
CA VAL A 326 -3.71 4.71 -24.82
C VAL A 326 -3.19 5.64 -23.72
N ALA A 327 -2.08 5.25 -23.09
CA ALA A 327 -1.52 5.98 -21.95
C ALA A 327 -0.54 7.06 -22.43
N ALA A 328 -0.85 8.32 -22.12
CA ALA A 328 0.17 9.39 -22.04
C ALA A 328 0.84 9.22 -20.67
N ALA A 329 1.79 8.28 -20.59
CA ALA A 329 2.19 7.60 -19.34
C ALA A 329 2.62 8.63 -18.28
N ASN A 330 3.53 9.56 -18.62
CA ASN A 330 4.15 10.45 -17.61
C ASN A 330 3.31 11.71 -17.41
N ASP A 331 2.20 11.84 -18.13
CA ASP A 331 1.20 12.93 -17.94
C ASP A 331 0.02 12.40 -17.12
N PHE A 332 0.04 11.13 -16.72
CA PHE A 332 -1.08 10.49 -15.95
C PHE A 332 -2.39 10.77 -16.68
N THR A 333 -2.41 10.48 -17.98
CA THR A 333 -3.61 10.66 -18.82
C THR A 333 -3.84 9.41 -19.67
N ILE A 334 -5.07 8.92 -19.67
CA ILE A 334 -5.50 7.95 -20.70
C ILE A 334 -6.20 8.78 -21.79
N GLU A 335 -5.64 8.73 -22.99
CA GLU A 335 -6.22 9.39 -24.17
C GLU A 335 -7.14 8.39 -24.86
N ILE A 336 -8.29 8.87 -25.32
CA ILE A 336 -9.24 8.03 -26.07
C ILE A 336 -9.30 8.54 -27.50
N TYR A 337 -9.01 7.64 -28.44
CA TYR A 337 -9.07 7.91 -29.89
C TYR A 337 -10.15 7.03 -30.48
N THR A 338 -10.71 7.47 -31.60
CA THR A 338 -11.68 6.68 -32.38
C THR A 338 -11.17 6.51 -33.79
N SER A 339 -11.62 5.45 -34.47
CA SER A 339 -11.20 5.16 -35.85
C SER A 339 -12.29 4.35 -36.53
N PRO A 340 -12.57 4.60 -37.82
CA PRO A 340 -13.48 3.72 -38.56
C PRO A 340 -12.76 2.45 -39.06
N ASN A 341 -11.43 2.45 -39.09
CA ASN A 341 -10.71 1.37 -39.84
C ASN A 341 -9.40 0.93 -39.16
N LEU A 342 -9.11 1.38 -37.94
CA LEU A 342 -7.92 0.98 -37.13
C LEU A 342 -6.63 1.63 -37.63
N THR A 343 -6.64 2.39 -38.72
CA THR A 343 -5.40 3.01 -39.23
C THR A 343 -5.44 4.53 -39.17
N SER A 344 -6.61 5.16 -39.18
CA SER A 344 -6.75 6.62 -39.01
C SER A 344 -7.46 6.90 -37.69
N TRP A 345 -6.78 7.56 -36.78
CA TRP A 345 -7.25 7.76 -35.39
C TRP A 345 -7.53 9.24 -35.14
N THR A 346 -8.69 9.50 -34.56
CA THR A 346 -9.07 10.87 -34.18
C THR A 346 -9.15 10.98 -32.65
N PHE A 347 -8.57 12.03 -32.08
CA PHE A 347 -8.63 12.27 -30.61
C PHE A 347 -10.07 12.56 -30.21
N ALA A 348 -10.54 11.92 -29.14
CA ALA A 348 -11.91 12.11 -28.63
C ALA A 348 -11.86 12.80 -27.27
N SER A 349 -11.12 12.23 -26.31
CA SER A 349 -11.18 12.73 -24.91
C SER A 349 -9.99 12.24 -24.09
N ASN A 350 -9.79 12.90 -22.95
CA ASN A 350 -8.74 12.63 -21.97
C ASN A 350 -9.36 12.19 -20.65
N PHE A 351 -8.70 11.28 -19.97
CA PHE A 351 -9.03 10.85 -18.59
C PHE A 351 -7.77 11.07 -17.78
N THR A 352 -7.67 12.19 -17.06
CA THR A 352 -6.37 12.63 -16.50
C THR A 352 -6.43 12.76 -14.98
N HIS A 353 -5.33 12.38 -14.31
CA HIS A 353 -5.09 12.62 -12.86
C HIS A 353 -6.23 12.02 -12.04
N HIS A 354 -6.55 10.75 -12.29
CA HIS A 354 -7.56 10.00 -11.50
C HIS A 354 -6.83 8.96 -10.64
N GLY A 355 -7.38 8.71 -9.47
CA GLY A 355 -6.89 7.70 -8.54
C GLY A 355 -5.45 7.95 -8.15
N LEU A 356 -4.73 6.87 -7.90
CA LEU A 356 -3.29 6.93 -7.56
C LEU A 356 -2.48 7.22 -8.81
N LEU A 357 -1.56 8.19 -8.74
CA LEU A 357 -0.75 8.57 -9.92
C LEU A 357 0.42 7.60 -10.06
N GLY A 358 1.01 7.15 -8.95
CA GLY A 358 2.32 6.49 -9.03
C GLY A 358 3.28 7.35 -9.84
N LEU A 359 4.13 6.72 -10.65
CA LEU A 359 5.10 7.48 -11.49
C LEU A 359 4.66 7.44 -12.94
N ALA A 360 3.67 6.63 -13.30
CA ALA A 360 3.20 6.53 -14.70
C ALA A 360 1.90 5.74 -14.76
N TYR A 361 1.02 6.15 -15.65
CA TYR A 361 -0.12 5.34 -16.12
C TYR A 361 0.35 4.38 -17.20
N GLU A 362 -0.09 3.13 -17.16
CA GLU A 362 0.28 2.10 -18.17
C GLU A 362 -0.90 1.17 -18.43
N CYS A 363 -0.86 0.49 -19.56
CA CYS A 363 -1.76 -0.63 -19.91
C CYS A 363 -3.21 -0.34 -19.53
N PRO A 364 -3.82 0.77 -20.04
CA PRO A 364 -5.22 1.04 -19.75
C PRO A 364 -6.07 -0.06 -20.41
N ASN A 365 -7.11 -0.51 -19.70
CA ASN A 365 -8.17 -1.37 -20.26
C ASN A 365 -9.51 -0.71 -19.96
N LEU A 366 -10.26 -0.42 -21.02
CA LEU A 366 -11.61 0.16 -20.94
C LEU A 366 -12.57 -0.92 -21.38
N VAL A 367 -13.29 -1.50 -20.43
CA VAL A 367 -14.01 -2.78 -20.65
C VAL A 367 -15.39 -2.69 -20.00
N GLN A 368 -16.30 -3.47 -20.56
CA GLN A 368 -17.69 -3.58 -20.06
C GLN A 368 -17.77 -4.88 -19.26
N VAL A 369 -18.18 -4.78 -18.02
CA VAL A 369 -18.08 -5.88 -17.04
C VAL A 369 -19.47 -6.13 -16.49
N PRO A 370 -19.96 -7.39 -16.54
CA PRO A 370 -21.28 -7.69 -16.03
C PRO A 370 -21.34 -7.65 -14.49
N PHE A 371 -22.55 -7.43 -13.98
CA PHE A 371 -22.86 -7.48 -12.54
C PHE A 371 -22.86 -8.94 -12.09
N GLN A 372 -22.19 -9.23 -10.98
CA GLN A 372 -22.04 -10.61 -10.46
C GLN A 372 -23.41 -11.23 -10.19
N ASP A 373 -24.31 -10.50 -9.54
CA ASP A 373 -25.62 -11.04 -9.10
C ASP A 373 -26.68 -10.86 -10.19
N ASP A 374 -26.32 -10.31 -11.36
CA ASP A 374 -27.30 -10.06 -12.46
C ASP A 374 -26.56 -9.84 -13.79
N PRO A 375 -26.36 -10.90 -14.60
CA PRO A 375 -25.54 -10.78 -15.80
C PRO A 375 -26.17 -9.92 -16.90
N SER A 376 -27.45 -9.57 -16.75
CA SER A 376 -28.18 -8.71 -17.70
C SER A 376 -27.76 -7.26 -17.51
N LYS A 377 -27.15 -6.94 -16.37
CA LYS A 377 -26.62 -5.57 -16.10
C LYS A 377 -25.11 -5.56 -16.25
N SER A 378 -24.57 -4.38 -16.54
CA SER A 378 -23.11 -4.19 -16.66
C SER A 378 -22.77 -2.72 -16.46
N ALA A 379 -21.51 -2.44 -16.24
CA ALA A 379 -20.98 -1.06 -16.27
C ALA A 379 -19.61 -1.10 -16.90
N TRP A 380 -19.15 0.06 -17.31
CA TRP A 380 -17.79 0.21 -17.85
C TRP A 380 -16.81 0.34 -16.70
N LEU A 381 -15.60 -0.07 -16.98
CA LEU A 381 -14.49 -0.02 -16.03
C LEU A 381 -13.26 0.46 -16.78
N MET A 382 -12.62 1.48 -16.24
CA MET A 382 -11.28 1.88 -16.69
C MET A 382 -10.30 1.24 -15.72
N TYR A 383 -9.45 0.37 -16.23
CA TYR A 383 -8.41 -0.32 -15.45
C TYR A 383 -7.08 0.27 -15.87
N ILE A 384 -6.32 0.76 -14.89
CA ILE A 384 -5.03 1.43 -15.17
C ILE A 384 -3.99 0.78 -14.28
N SER A 385 -2.87 0.40 -14.87
CA SER A 385 -1.67 -0.06 -14.14
C SER A 385 -0.79 1.15 -13.88
N ILE A 386 -0.20 1.23 -12.70
CA ILE A 386 0.77 2.31 -12.38
C ILE A 386 2.09 1.67 -11.93
N ASN A 387 3.19 2.24 -12.39
CA ASN A 387 4.56 1.80 -12.01
C ASN A 387 5.56 2.88 -12.38
N PRO A 388 6.58 3.15 -11.55
CA PRO A 388 6.58 2.74 -10.15
C PRO A 388 5.58 3.56 -9.30
N GLY A 389 5.80 3.64 -8.00
CA GLY A 389 5.03 4.55 -7.12
C GLY A 389 3.76 3.91 -6.55
N ALA A 390 3.56 2.61 -6.70
CA ALA A 390 2.43 1.90 -6.03
C ALA A 390 2.61 2.02 -4.51
N PRO A 391 1.52 2.02 -3.72
CA PRO A 391 1.65 2.14 -2.26
C PRO A 391 2.48 1.03 -1.59
N LEU A 392 2.37 -0.21 -2.05
CA LEU A 392 3.18 -1.34 -1.52
C LEU A 392 4.59 -1.28 -2.12
N GLY A 393 4.81 -0.34 -3.04
CA GLY A 393 6.10 -0.24 -3.74
C GLY A 393 5.96 -0.82 -5.10
N GLY A 394 6.49 -0.13 -6.09
CA GLY A 394 6.56 -0.63 -7.46
C GLY A 394 5.25 -0.48 -8.19
N SER A 395 4.73 -1.60 -8.65
CA SER A 395 3.65 -1.69 -9.67
C SER A 395 2.37 -2.19 -9.01
N VAL A 396 1.23 -1.75 -9.51
CA VAL A 396 -0.09 -2.18 -9.00
C VAL A 396 -1.14 -1.77 -10.03
N GLY A 397 -2.28 -2.44 -9.98
CA GLY A 397 -3.45 -2.15 -10.83
C GLY A 397 -4.49 -1.43 -10.02
N GLN A 398 -5.17 -0.49 -10.66
CA GLN A 398 -6.31 0.22 -10.04
C GLN A 398 -7.41 0.30 -11.08
N TYR A 399 -8.62 0.60 -10.65
CA TYR A 399 -9.76 0.64 -11.57
C TYR A 399 -10.74 1.72 -11.13
N PHE A 400 -11.66 2.03 -12.04
CA PHE A 400 -12.68 3.07 -11.93
C PHE A 400 -13.95 2.58 -12.59
N PRO A 401 -15.05 2.34 -11.84
CA PRO A 401 -16.32 2.04 -12.48
C PRO A 401 -16.93 3.32 -13.03
N GLY A 402 -17.57 3.22 -14.16
CA GLY A 402 -18.14 4.41 -14.81
C GLY A 402 -18.98 4.08 -16.02
N ASP A 403 -19.20 5.12 -16.81
CA ASP A 403 -20.01 5.07 -18.04
C ASP A 403 -19.08 5.39 -19.21
N PHE A 404 -19.22 4.65 -20.30
CA PHE A 404 -18.55 4.95 -21.58
C PHE A 404 -19.60 5.02 -22.67
N ASN A 405 -19.49 6.02 -23.55
CA ASN A 405 -20.53 6.32 -24.57
C ASN A 405 -19.91 6.32 -25.96
N GLY A 406 -18.71 5.79 -26.13
CA GLY A 406 -18.02 5.75 -27.44
C GLY A 406 -16.94 6.81 -27.61
N THR A 407 -16.95 7.87 -26.82
CA THR A 407 -15.95 8.97 -26.91
C THR A 407 -15.40 9.32 -25.52
N HIS A 408 -16.23 9.25 -24.48
CA HIS A 408 -15.86 9.70 -23.12
C HIS A 408 -16.13 8.60 -22.11
N PHE A 409 -15.15 8.36 -21.23
CA PHE A 409 -15.37 7.58 -20.00
C PHE A 409 -15.53 8.57 -18.85
N VAL A 410 -16.60 8.41 -18.10
CA VAL A 410 -16.85 9.25 -16.91
C VAL A 410 -16.98 8.31 -15.71
N ALA A 411 -16.08 8.44 -14.74
CA ALA A 411 -16.11 7.66 -13.49
C ALA A 411 -17.38 7.99 -12.71
N TYR A 412 -17.92 7.04 -11.97
CA TYR A 412 -19.13 7.30 -11.16
C TYR A 412 -18.81 8.21 -9.96
N ASP A 413 -17.54 8.29 -9.54
CA ASP A 413 -17.15 9.15 -8.40
C ASP A 413 -15.65 9.41 -8.53
N SER A 414 -15.06 10.08 -7.54
CA SER A 414 -13.65 10.53 -7.61
C SER A 414 -12.77 9.59 -6.78
N ALA A 415 -13.22 8.38 -6.44
CA ALA A 415 -12.46 7.52 -5.51
C ALA A 415 -11.42 6.70 -6.29
N ALA A 416 -10.35 6.33 -5.60
CA ALA A 416 -9.33 5.39 -6.08
C ALA A 416 -9.63 4.01 -5.48
N ARG A 417 -9.53 2.97 -6.31
CA ARG A 417 -9.82 1.56 -5.93
C ARG A 417 -8.70 0.68 -6.46
N ILE A 418 -8.05 -0.05 -5.56
CA ILE A 418 -6.92 -0.95 -5.90
C ILE A 418 -7.46 -2.36 -6.11
N ALA A 419 -7.04 -3.02 -7.18
CA ALA A 419 -7.63 -4.29 -7.66
C ALA A 419 -7.22 -5.47 -6.76
N ASP A 420 -5.97 -5.52 -6.35
CA ASP A 420 -5.34 -6.71 -5.70
C ASP A 420 -4.67 -6.20 -4.43
N PHE A 421 -4.82 -6.87 -3.29
CA PHE A 421 -4.31 -6.33 -2.00
C PHE A 421 -2.87 -6.81 -1.71
N ALA A 422 -2.23 -7.51 -2.65
CA ALA A 422 -0.79 -7.84 -2.50
C ALA A 422 0.00 -7.11 -3.58
N LYS A 423 1.16 -7.62 -3.95
CA LYS A 423 2.18 -6.85 -4.69
C LYS A 423 2.38 -7.38 -6.12
N ASP A 424 1.92 -8.61 -6.43
CA ASP A 424 2.40 -9.34 -7.64
C ASP A 424 1.25 -9.52 -8.62
N ASN A 425 0.62 -8.42 -9.02
CA ASN A 425 -0.45 -8.45 -10.04
C ASN A 425 -0.39 -7.15 -10.82
N TYR A 426 0.01 -7.22 -12.07
CA TYR A 426 0.26 -6.01 -12.88
C TYR A 426 -0.15 -6.25 -14.33
N ALA A 427 -0.42 -5.14 -15.01
CA ALA A 427 -0.64 -5.08 -16.47
C ALA A 427 -1.77 -6.03 -16.89
N SER A 428 -2.80 -6.17 -16.05
CA SER A 428 -4.04 -6.90 -16.43
C SER A 428 -4.44 -6.52 -17.85
N GLN A 429 -4.73 -7.50 -18.68
CA GLN A 429 -5.35 -7.23 -19.99
C GLN A 429 -6.59 -8.12 -20.14
N TRP A 430 -7.65 -7.56 -20.69
CA TRP A 430 -8.91 -8.28 -20.97
C TRP A 430 -8.83 -8.92 -22.36
N PHE A 431 -9.38 -10.11 -22.47
CA PHE A 431 -9.46 -10.84 -23.76
C PHE A 431 -10.53 -10.15 -24.62
N ALA A 432 -10.16 -9.75 -25.84
CA ALA A 432 -11.11 -9.26 -26.85
C ALA A 432 -11.93 -10.44 -27.40
N ASP A 433 -13.15 -10.15 -27.85
CA ASP A 433 -14.00 -11.02 -28.68
C ASP A 433 -14.41 -12.26 -27.88
N THR A 434 -14.68 -12.10 -26.59
CA THR A 434 -15.26 -13.18 -25.77
C THR A 434 -16.75 -13.27 -26.11
N GLU A 435 -17.41 -14.33 -25.66
CA GLU A 435 -18.87 -14.45 -25.82
C GLU A 435 -19.54 -13.31 -25.04
N ASN A 436 -20.81 -13.08 -25.30
CA ASN A 436 -21.56 -11.97 -24.65
C ASN A 436 -21.59 -12.23 -23.14
N GLY A 437 -21.32 -11.19 -22.34
CA GLY A 437 -21.41 -11.26 -20.87
C GLY A 437 -20.24 -11.99 -20.22
N GLU A 438 -19.19 -12.36 -20.97
CA GLU A 438 -17.98 -12.97 -20.35
C GLU A 438 -16.85 -11.95 -20.32
N SER A 439 -16.45 -11.55 -19.13
CA SER A 439 -15.31 -10.63 -18.92
C SER A 439 -14.12 -11.47 -18.43
N ILE A 440 -13.14 -11.68 -19.30
CA ILE A 440 -12.01 -12.59 -19.02
C ILE A 440 -10.72 -11.79 -19.13
N SER A 441 -9.90 -11.87 -18.10
CA SER A 441 -8.64 -11.12 -18.06
C SER A 441 -7.50 -12.00 -17.56
N ILE A 442 -6.29 -11.53 -17.79
CA ILE A 442 -5.09 -12.18 -17.21
C ILE A 442 -4.09 -11.08 -16.90
N ALA A 443 -3.29 -11.29 -15.88
CA ALA A 443 -2.27 -10.31 -15.48
C ALA A 443 -0.91 -10.98 -15.45
N TRP A 444 0.12 -10.15 -15.41
CA TRP A 444 1.51 -10.55 -15.15
C TRP A 444 1.67 -10.66 -13.63
N ALA A 445 1.96 -11.84 -13.11
CA ALA A 445 2.03 -12.09 -11.65
C ALA A 445 3.44 -11.76 -11.13
N SER A 446 3.79 -10.49 -11.15
CA SER A 446 5.09 -10.05 -10.63
C SER A 446 5.01 -8.56 -10.27
N ASN A 447 6.16 -8.01 -9.87
CA ASN A 447 6.31 -6.61 -9.44
C ASN A 447 7.63 -6.11 -10.03
N TRP A 448 7.59 -4.94 -10.67
CA TRP A 448 8.78 -4.36 -11.32
C TRP A 448 9.91 -4.15 -10.32
N GLN A 449 9.66 -4.13 -9.00
CA GLN A 449 10.77 -3.86 -8.06
C GLN A 449 11.70 -5.08 -7.94
N TYR A 450 11.24 -6.28 -8.26
CA TYR A 450 12.11 -7.47 -8.08
C TYR A 450 11.93 -8.52 -9.18
N THR A 451 11.10 -8.27 -10.19
CA THR A 451 10.82 -9.25 -11.27
C THR A 451 12.12 -9.67 -11.97
N GLN A 452 13.06 -8.75 -12.15
CA GLN A 452 14.29 -9.05 -12.89
C GLN A 452 15.34 -9.71 -11.97
N GLN A 453 15.02 -9.91 -10.68
CA GLN A 453 15.97 -10.44 -9.65
C GLN A 453 15.41 -11.73 -9.04
N VAL A 454 14.20 -12.18 -9.39
CA VAL A 454 13.62 -13.40 -8.75
C VAL A 454 14.49 -14.62 -9.09
N PRO A 455 14.66 -15.57 -8.15
CA PRO A 455 15.62 -16.66 -8.33
C PRO A 455 15.05 -17.83 -9.14
N THR A 456 14.61 -17.58 -10.37
CA THR A 456 14.07 -18.63 -11.27
C THR A 456 14.88 -18.77 -12.57
N SER A 457 15.84 -17.88 -12.87
CA SER A 457 16.60 -17.95 -14.14
C SER A 457 17.34 -19.31 -14.24
N ALA A 458 17.80 -19.87 -13.13
CA ALA A 458 18.45 -21.20 -13.11
C ALA A 458 17.43 -22.28 -13.46
N GLN A 459 16.13 -21.94 -13.50
CA GLN A 459 15.05 -22.89 -13.91
C GLN A 459 14.47 -22.46 -15.27
N ALA A 460 15.19 -21.61 -15.99
CA ALA A 460 15.03 -21.30 -17.43
C ALA A 460 13.98 -20.22 -17.69
N PHE A 461 13.48 -19.51 -16.68
CA PHE A 461 12.43 -18.50 -16.95
C PHE A 461 12.45 -17.41 -15.90
N ARG A 462 11.93 -16.26 -16.29
CA ARG A 462 11.47 -15.26 -15.32
C ARG A 462 10.07 -14.82 -15.74
N SER A 463 9.13 -14.99 -14.81
CA SER A 463 7.79 -14.42 -14.79
C SER A 463 6.76 -15.47 -15.18
N ALA A 464 5.62 -15.41 -14.54
CA ALA A 464 4.42 -16.18 -14.90
C ALA A 464 3.24 -15.21 -14.93
N MET A 465 2.22 -15.61 -15.67
CA MET A 465 0.93 -14.91 -15.68
C MET A 465 0.19 -15.35 -14.42
N SER A 466 -0.76 -14.54 -13.99
CA SER A 466 -1.71 -14.92 -12.94
C SER A 466 -2.58 -16.07 -13.45
N LEU A 467 -3.39 -16.65 -12.58
CA LEU A 467 -4.53 -17.47 -13.07
C LEU A 467 -5.32 -16.59 -14.03
N PRO A 468 -5.92 -17.16 -15.09
CA PRO A 468 -6.90 -16.43 -15.90
C PRO A 468 -8.09 -16.13 -14.99
N ARG A 469 -8.72 -14.99 -15.19
CA ARG A 469 -9.76 -14.50 -14.28
C ARG A 469 -11.08 -14.28 -15.02
N ARG A 470 -12.16 -14.64 -14.36
CA ARG A 470 -13.50 -14.17 -14.76
C ARG A 470 -13.80 -12.93 -13.91
N ASN A 471 -14.21 -11.84 -14.51
CA ASN A 471 -14.46 -10.59 -13.80
C ASN A 471 -15.94 -10.25 -13.74
N TYR A 472 -16.35 -9.64 -12.62
CA TYR A 472 -17.70 -9.05 -12.41
C TYR A 472 -17.54 -7.73 -11.66
N LEU A 473 -18.61 -6.95 -11.65
CA LEU A 473 -18.79 -5.80 -10.74
C LEU A 473 -19.84 -6.19 -9.71
N THR A 474 -19.66 -5.74 -8.49
CA THR A 474 -20.67 -5.93 -7.43
C THR A 474 -20.60 -4.73 -6.49
N ASN A 475 -21.57 -4.62 -5.61
CA ASN A 475 -21.51 -3.69 -4.46
C ASN A 475 -21.21 -4.53 -3.22
N ILE A 476 -20.17 -4.16 -2.47
CA ILE A 476 -19.88 -4.78 -1.16
C ILE A 476 -20.38 -3.82 -0.08
N THR A 477 -20.65 -4.40 1.07
CA THR A 477 -21.15 -3.64 2.23
C THR A 477 -20.26 -2.42 2.48
N ARG A 478 -20.90 -1.26 2.62
CA ARG A 478 -20.29 0.05 2.93
C ARG A 478 -19.44 0.60 1.77
N LEU A 479 -18.49 -0.16 1.24
CA LEU A 479 -17.51 0.36 0.26
C LEU A 479 -18.18 0.58 -1.10
N GLY A 480 -19.24 -0.18 -1.38
CA GLY A 480 -19.96 -0.05 -2.67
C GLY A 480 -19.18 -0.76 -3.78
N TRP A 481 -18.85 -0.02 -4.84
CA TRP A 481 -18.34 -0.60 -6.10
C TRP A 481 -17.11 -1.46 -5.83
N ASP A 482 -17.05 -2.60 -6.49
CA ASP A 482 -15.93 -3.54 -6.29
C ASP A 482 -15.75 -4.36 -7.58
N LEU A 483 -14.50 -4.47 -8.00
CA LEU A 483 -14.13 -5.36 -9.12
C LEU A 483 -13.95 -6.78 -8.58
N VAL A 484 -14.82 -7.68 -8.99
CA VAL A 484 -14.74 -9.11 -8.61
C VAL A 484 -13.76 -9.79 -9.56
N SER A 485 -12.87 -10.60 -9.01
CA SER A 485 -11.96 -11.47 -9.80
C SER A 485 -12.08 -12.90 -9.26
N LEU A 486 -12.39 -13.85 -10.13
CA LEU A 486 -12.44 -15.27 -9.73
C LEU A 486 -11.61 -16.07 -10.72
N PRO A 487 -11.02 -17.21 -10.31
CA PRO A 487 -10.25 -18.01 -11.26
C PRO A 487 -11.21 -18.52 -12.34
N TYR A 488 -10.80 -18.39 -13.59
CA TYR A 488 -11.57 -18.97 -14.72
C TYR A 488 -11.64 -20.49 -14.52
N ASP A 489 -12.79 -21.05 -14.86
CA ASP A 489 -13.16 -22.48 -14.64
C ASP A 489 -11.93 -23.38 -14.49
N LEU A 490 -11.69 -23.86 -13.26
CA LEU A 490 -10.49 -24.64 -12.90
C LEU A 490 -10.71 -26.15 -13.15
N SER A 491 -11.92 -26.57 -13.51
CA SER A 491 -12.26 -28.02 -13.64
C SER A 491 -11.27 -28.77 -14.52
N PRO A 492 -10.73 -28.23 -15.63
CA PRO A 492 -9.75 -28.97 -16.43
C PRO A 492 -8.45 -29.35 -15.70
N VAL A 493 -8.14 -28.75 -14.55
CA VAL A 493 -6.84 -29.03 -13.85
C VAL A 493 -7.11 -29.62 -12.48
N VAL A 494 -8.36 -29.85 -12.09
CA VAL A 494 -8.65 -30.36 -10.73
C VAL A 494 -8.32 -31.85 -10.70
N GLY A 495 -7.46 -32.25 -9.76
CA GLY A 495 -7.11 -33.66 -9.54
C GLY A 495 -7.77 -34.20 -8.28
N PRO A 496 -7.14 -35.20 -7.65
CA PRO A 496 -7.75 -35.92 -6.54
C PRO A 496 -8.02 -35.02 -5.33
N SER A 497 -9.11 -35.30 -4.62
CA SER A 497 -9.41 -34.67 -3.31
C SER A 497 -8.34 -35.12 -2.32
N LEU A 498 -7.76 -34.16 -1.59
CA LEU A 498 -6.71 -34.45 -0.57
C LEU A 498 -7.36 -34.39 0.80
N LEU A 499 -8.40 -33.58 0.95
CA LEU A 499 -9.09 -33.41 2.24
C LEU A 499 -10.46 -32.77 2.04
N SER A 500 -11.43 -33.23 2.82
CA SER A 500 -12.74 -32.58 3.01
C SER A 500 -13.05 -32.64 4.50
N SER A 501 -13.40 -31.51 5.08
CA SER A 501 -13.76 -31.44 6.52
C SER A 501 -14.98 -30.57 6.70
N SER A 502 -15.86 -30.99 7.61
CA SER A 502 -17.01 -30.21 8.13
C SER A 502 -16.73 -29.78 9.56
N GLU A 503 -15.55 -30.06 10.10
CA GLU A 503 -15.26 -29.82 11.52
C GLU A 503 -14.99 -28.33 11.72
N ALA A 504 -15.69 -27.73 12.68
CA ALA A 504 -15.38 -26.38 13.20
C ALA A 504 -14.48 -26.52 14.43
N ASN A 505 -13.66 -25.49 14.67
CA ASN A 505 -12.75 -25.38 15.84
C ASN A 505 -11.69 -26.47 15.81
N SER A 506 -11.17 -26.82 14.63
CA SER A 506 -10.19 -27.92 14.54
C SER A 506 -9.07 -27.51 13.61
N THR A 507 -8.05 -28.36 13.53
CA THR A 507 -6.92 -28.20 12.59
C THR A 507 -6.90 -29.41 11.66
N ALA A 508 -6.96 -29.17 10.36
CA ALA A 508 -6.77 -30.19 9.32
C ALA A 508 -5.37 -30.04 8.75
N ASP A 509 -4.58 -31.11 8.78
CA ASP A 509 -3.24 -31.16 8.16
C ASP A 509 -3.36 -31.89 6.82
N VAL A 510 -2.92 -31.26 5.74
CA VAL A 510 -3.03 -31.80 4.36
C VAL A 510 -1.62 -31.96 3.81
N ASP A 511 -1.19 -33.21 3.65
CA ASP A 511 0.11 -33.58 3.04
C ASP A 511 -0.09 -33.65 1.53
N PHE A 512 0.69 -32.93 0.72
CA PHE A 512 0.63 -33.09 -0.74
C PHE A 512 2.02 -33.32 -1.30
N THR A 513 2.87 -34.00 -0.53
CA THR A 513 4.22 -34.36 -1.05
C THR A 513 4.09 -35.32 -2.22
N ASN A 514 2.99 -36.08 -2.31
CA ASN A 514 2.71 -37.07 -3.39
C ASN A 514 2.14 -36.40 -4.65
N VAL A 515 1.67 -35.16 -4.55
CA VAL A 515 1.09 -34.40 -5.69
C VAL A 515 2.25 -33.84 -6.51
N THR A 516 2.56 -34.45 -7.64
CA THR A 516 3.80 -34.18 -8.40
C THR A 516 3.74 -32.76 -9.02
N SER A 517 2.56 -32.21 -9.26
CA SER A 517 2.47 -30.80 -9.73
C SER A 517 3.00 -29.83 -8.66
N ASN A 518 2.93 -30.23 -7.39
CA ASN A 518 3.20 -29.38 -6.21
C ASN A 518 2.25 -28.17 -6.28
N ALA A 519 1.01 -28.42 -6.72
CA ALA A 519 0.00 -27.36 -6.91
C ALA A 519 -1.32 -27.85 -6.31
N VAL A 520 -1.99 -27.00 -5.55
CA VAL A 520 -3.27 -27.37 -4.88
C VAL A 520 -4.26 -26.23 -4.98
N TRP A 521 -5.53 -26.60 -4.91
CA TRP A 521 -6.67 -25.68 -4.85
C TRP A 521 -7.34 -25.98 -3.52
N PHE A 522 -7.86 -24.96 -2.85
CA PHE A 522 -8.67 -25.18 -1.65
C PHE A 522 -9.82 -24.20 -1.65
N SER A 523 -10.88 -24.62 -0.99
CA SER A 523 -12.11 -23.84 -0.82
C SER A 523 -12.54 -24.01 0.63
N LEU A 524 -12.71 -22.90 1.34
CA LEU A 524 -13.26 -22.90 2.70
C LEU A 524 -14.51 -22.04 2.69
N ASN A 525 -15.64 -22.64 3.05
CA ASN A 525 -16.91 -21.94 3.31
C ASN A 525 -17.16 -21.92 4.81
N VAL A 526 -17.65 -20.80 5.29
CA VAL A 526 -18.05 -20.63 6.71
C VAL A 526 -19.43 -19.99 6.70
N THR A 527 -20.39 -20.64 7.35
CA THR A 527 -21.75 -20.11 7.52
C THR A 527 -21.94 -19.82 9.00
N LEU A 528 -21.93 -18.54 9.36
CA LEU A 528 -22.21 -18.13 10.75
C LEU A 528 -23.71 -18.28 11.01
N PRO A 529 -24.09 -18.58 12.26
CA PRO A 529 -25.51 -18.56 12.65
C PRO A 529 -26.07 -17.13 12.53
N ASP A 530 -27.35 -17.02 12.18
CA ASP A 530 -28.03 -15.73 11.91
C ASP A 530 -27.84 -14.78 13.09
N ALA A 531 -27.93 -15.27 14.33
CA ALA A 531 -27.74 -14.48 15.57
C ALA A 531 -26.39 -13.74 15.50
N ALA A 532 -25.34 -14.43 15.04
CA ALA A 532 -23.97 -13.86 14.95
C ALA A 532 -23.88 -12.87 13.78
N ILE A 533 -24.62 -13.10 12.70
CA ILE A 533 -24.69 -12.17 11.53
C ILE A 533 -25.41 -10.89 11.97
N GLN A 534 -26.53 -11.03 12.68
CA GLN A 534 -27.39 -9.89 13.09
C GLN A 534 -26.72 -9.11 14.24
N ASN A 535 -25.96 -9.77 15.11
CA ASN A 535 -25.19 -9.12 16.20
C ASN A 535 -23.80 -9.77 16.30
N ALA A 536 -22.77 -9.07 15.84
CA ALA A 536 -21.39 -9.58 15.75
C ALA A 536 -20.70 -9.49 17.11
N SER A 537 -21.28 -8.79 18.09
CA SER A 537 -20.72 -8.75 19.47
C SER A 537 -20.86 -10.14 20.12
N LEU A 538 -21.60 -11.05 19.48
CA LEU A 538 -21.77 -12.46 19.93
C LEU A 538 -20.58 -13.31 19.51
N ILE A 539 -19.69 -12.80 18.65
CA ILE A 539 -18.54 -13.60 18.15
C ILE A 539 -17.37 -13.40 19.11
N SER A 540 -16.74 -14.49 19.53
CA SER A 540 -15.52 -14.46 20.37
C SER A 540 -14.38 -13.73 19.63
N ALA A 541 -13.53 -13.03 20.38
CA ALA A 541 -12.32 -12.34 19.86
C ALA A 541 -11.34 -13.36 19.30
N ASP A 542 -11.45 -14.63 19.70
CA ASP A 542 -10.58 -15.75 19.25
C ASP A 542 -11.07 -16.32 17.91
N ALA A 543 -12.29 -16.01 17.47
CA ALA A 543 -12.89 -16.52 16.21
C ALA A 543 -11.96 -16.17 15.05
N SER A 544 -11.31 -17.17 14.46
CA SER A 544 -10.24 -16.92 13.47
C SER A 544 -10.03 -18.14 12.58
N ILE A 545 -9.38 -17.89 11.45
CA ILE A 545 -8.92 -18.92 10.49
C ILE A 545 -7.44 -18.70 10.28
N ASN A 546 -6.66 -19.77 10.36
CA ASN A 546 -5.22 -19.74 10.02
C ASN A 546 -4.96 -20.83 9.00
N ILE A 547 -4.33 -20.44 7.91
CA ILE A 547 -3.85 -21.38 6.87
C ILE A 547 -2.34 -21.18 6.78
N THR A 548 -1.59 -22.29 6.83
CA THR A 548 -0.11 -22.25 6.76
C THR A 548 0.34 -23.28 5.75
N PHE A 549 1.24 -22.88 4.87
CA PHE A 549 1.90 -23.76 3.89
C PHE A 549 3.29 -24.08 4.44
N LEU A 550 3.56 -25.37 4.60
CA LEU A 550 4.74 -25.86 5.36
C LEU A 550 5.71 -26.57 4.43
N PRO A 551 7.03 -26.43 4.67
CA PRO A 551 8.02 -27.04 3.81
C PRO A 551 7.91 -28.57 3.82
N SER A 552 8.23 -29.17 2.68
CA SER A 552 8.34 -30.63 2.49
C SER A 552 9.49 -31.18 3.33
N THR A 553 9.27 -32.30 4.01
CA THR A 553 10.37 -33.09 4.62
C THR A 553 10.93 -34.05 3.57
N LYS A 554 10.14 -34.36 2.54
CA LYS A 554 10.49 -35.36 1.51
C LYS A 554 11.42 -34.73 0.47
N CYS A 555 11.31 -33.43 0.19
CA CYS A 555 12.12 -32.78 -0.86
C CYS A 555 13.02 -31.70 -0.28
N SER A 556 13.26 -31.75 1.02
CA SER A 556 14.16 -30.82 1.73
C SER A 556 14.97 -31.63 2.75
N SER A 557 16.29 -31.45 2.73
CA SER A 557 17.20 -32.05 3.74
C SER A 557 17.86 -30.92 4.55
N SER A 558 17.33 -29.69 4.45
CA SER A 558 17.90 -28.52 5.17
C SER A 558 17.65 -28.61 6.69
N SER A 559 18.61 -28.14 7.46
CA SER A 559 18.62 -28.23 8.95
C SER A 559 18.94 -26.85 9.52
N GLY A 560 18.76 -26.70 10.82
CA GLY A 560 19.13 -25.46 11.53
C GLY A 560 18.01 -24.44 11.47
N SER A 561 18.27 -23.25 12.02
CA SER A 561 17.22 -22.22 12.28
C SER A 561 16.53 -21.83 10.97
N GLY A 562 15.22 -21.64 11.01
CA GLY A 562 14.40 -21.24 9.85
C GLY A 562 14.00 -22.42 8.98
N SER A 563 14.54 -23.62 9.23
CA SER A 563 14.30 -24.82 8.38
C SER A 563 12.79 -25.14 8.30
N ASP A 564 12.04 -24.87 9.36
CA ASP A 564 10.62 -25.31 9.47
C ASP A 564 9.68 -24.11 9.24
N SER A 565 10.20 -22.92 8.91
CA SER A 565 9.34 -21.72 8.72
C SER A 565 8.29 -22.01 7.66
N PRO A 566 7.00 -21.68 7.89
CA PRO A 566 6.00 -21.70 6.81
C PRO A 566 6.47 -20.90 5.59
N ALA A 567 6.09 -21.33 4.39
CA ALA A 567 6.41 -20.60 3.15
C ALA A 567 5.37 -19.48 2.95
N ALA A 568 4.15 -19.68 3.43
CA ALA A 568 3.08 -18.68 3.28
C ALA A 568 2.06 -18.93 4.38
N THR A 569 1.42 -17.85 4.82
CA THR A 569 0.37 -17.91 5.86
C THR A 569 -0.81 -17.03 5.45
N LEU A 570 -1.97 -17.40 5.92
CA LEU A 570 -3.17 -16.56 5.82
C LEU A 570 -3.82 -16.59 7.20
N THR A 571 -4.14 -15.42 7.73
CA THR A 571 -4.80 -15.28 9.04
C THR A 571 -6.00 -14.37 8.88
N TYR A 572 -7.15 -14.76 9.42
CA TYR A 572 -8.34 -13.89 9.43
C TYR A 572 -8.99 -13.92 10.80
N PHE A 573 -9.42 -12.76 11.28
CA PHE A 573 -10.14 -12.58 12.55
C PHE A 573 -11.56 -12.12 12.27
N TYR A 574 -12.54 -12.83 12.83
CA TYR A 574 -13.98 -12.47 12.72
C TYR A 574 -14.26 -11.26 13.61
N ALA A 575 -13.57 -11.16 14.75
CA ALA A 575 -13.85 -10.11 15.76
C ALA A 575 -12.53 -9.70 16.45
N GLY A 576 -12.61 -9.31 17.73
CA GLY A 576 -11.42 -8.92 18.51
C GLY A 576 -10.94 -7.53 18.12
N LEU A 577 -9.68 -7.24 18.41
CA LEU A 577 -9.11 -5.89 18.24
C LEU A 577 -8.91 -5.57 16.76
N THR A 578 -8.61 -6.57 15.94
CA THR A 578 -8.41 -6.38 14.48
C THR A 578 -9.53 -7.12 13.75
N ASN A 579 -10.76 -6.74 14.01
CA ASN A 579 -11.94 -7.46 13.47
C ASN A 579 -11.99 -7.26 11.95
N GLY A 580 -12.16 -8.35 11.20
CA GLY A 580 -12.30 -8.35 9.74
C GLY A 580 -10.97 -8.39 9.04
N ALA A 581 -9.86 -8.31 9.80
CA ALA A 581 -8.52 -8.17 9.23
C ALA A 581 -8.04 -9.54 8.69
N LEU A 582 -7.63 -9.55 7.42
CA LEU A 582 -7.05 -10.74 6.76
C LEU A 582 -5.61 -10.40 6.43
N ALA A 583 -4.69 -11.21 6.96
CA ALA A 583 -3.24 -11.11 6.68
C ALA A 583 -2.83 -12.26 5.75
N LEU A 584 -2.09 -11.92 4.72
CA LEU A 584 -1.44 -12.87 3.81
C LEU A 584 0.06 -12.60 3.86
N THR A 585 0.85 -13.61 4.20
CA THR A 585 2.29 -13.39 4.45
C THR A 585 3.14 -14.47 3.78
N ARG A 586 4.36 -14.09 3.45
CA ARG A 586 5.42 -14.99 2.95
C ARG A 586 6.63 -14.79 3.85
N PRO A 587 6.73 -15.57 4.95
CA PRO A 587 7.75 -15.31 5.97
C PRO A 587 9.14 -15.11 5.39
N ALA A 588 9.81 -14.04 5.83
CA ALA A 588 11.22 -13.76 5.44
C ALA A 588 12.10 -14.99 5.79
N ALA A 589 11.82 -15.63 6.92
CA ALA A 589 12.64 -16.75 7.45
C ALA A 589 12.57 -17.96 6.49
N SER A 590 11.59 -18.02 5.58
CA SER A 590 11.42 -19.17 4.66
C SER A 590 12.34 -19.02 3.46
N SER A 591 12.80 -17.81 3.14
CA SER A 591 13.48 -17.52 1.85
C SER A 591 14.71 -16.65 2.10
N SER A 592 15.91 -17.18 1.86
CA SER A 592 17.15 -16.38 1.96
C SER A 592 17.09 -15.26 0.91
N TRP A 593 16.64 -15.56 -0.29
CA TRP A 593 16.54 -14.56 -1.37
C TRP A 593 15.54 -13.49 -0.96
N GLY A 594 14.35 -13.90 -0.51
CA GLY A 594 13.27 -12.96 -0.17
C GLY A 594 13.64 -12.06 1.01
N ALA A 595 14.30 -12.62 2.01
CA ALA A 595 14.75 -11.86 3.21
C ALA A 595 15.72 -10.76 2.75
N GLU A 596 16.63 -11.07 1.84
CA GLU A 596 17.72 -10.14 1.39
C GLU A 596 17.18 -9.13 0.38
N ASN A 597 16.15 -9.44 -0.40
CA ASN A 597 15.65 -8.44 -1.37
C ASN A 597 14.91 -7.35 -0.60
N PRO A 598 15.34 -6.08 -0.72
CA PRO A 598 14.77 -5.00 0.07
C PRO A 598 13.34 -4.58 -0.34
N PHE A 599 12.84 -5.05 -1.48
CA PHE A 599 11.49 -4.71 -1.97
C PHE A 599 10.51 -5.88 -1.81
N PHE A 600 10.98 -7.07 -1.42
CA PHE A 600 10.16 -8.30 -1.35
C PHE A 600 9.39 -8.27 -0.04
N THR A 601 8.36 -7.44 0.00
CA THR A 601 7.50 -7.23 1.19
C THR A 601 6.96 -8.57 1.68
N ASP A 602 6.93 -8.77 3.01
CA ASP A 602 6.61 -10.08 3.63
C ASP A 602 5.11 -10.20 3.94
N LYS A 603 4.41 -9.10 4.20
CA LYS A 603 3.05 -9.15 4.77
C LYS A 603 2.11 -8.18 4.05
N PHE A 604 0.91 -8.66 3.76
CA PHE A 604 -0.16 -7.93 3.06
C PHE A 604 -1.45 -8.12 3.85
N SER A 605 -2.36 -7.16 3.76
CA SER A 605 -3.65 -7.33 4.46
C SER A 605 -4.78 -6.63 3.71
N TYR A 606 -5.97 -7.14 3.95
CA TYR A 606 -7.25 -6.54 3.51
C TYR A 606 -8.20 -6.70 4.67
N THR A 607 -9.02 -5.70 4.93
CA THR A 607 -10.00 -5.76 6.03
C THR A 607 -11.41 -5.83 5.48
N LEU A 608 -12.14 -6.87 5.86
CA LEU A 608 -13.53 -7.05 5.41
C LEU A 608 -14.43 -6.19 6.30
N VAL A 609 -15.60 -5.83 5.78
CA VAL A 609 -16.72 -5.32 6.60
C VAL A 609 -17.61 -6.50 6.97
N ASP A 610 -18.07 -7.24 5.98
CA ASP A 610 -18.87 -8.48 6.20
C ASP A 610 -17.97 -9.56 6.77
N PRO A 611 -18.53 -10.54 7.50
CA PRO A 611 -17.77 -11.72 7.86
C PRO A 611 -17.22 -12.43 6.62
N LEU A 612 -16.07 -13.10 6.76
CA LEU A 612 -15.56 -14.02 5.73
C LEU A 612 -16.52 -15.21 5.66
N THR A 613 -17.11 -15.47 4.50
CA THR A 613 -18.03 -16.60 4.29
C THR A 613 -17.44 -17.59 3.27
N SER A 614 -16.57 -17.13 2.37
CA SER A 614 -15.89 -18.05 1.42
C SER A 614 -14.46 -17.59 1.16
N LEU A 615 -13.59 -18.56 0.96
CA LEU A 615 -12.16 -18.35 0.65
C LEU A 615 -11.75 -19.46 -0.29
N VAL A 616 -11.20 -19.08 -1.43
CA VAL A 616 -10.65 -20.03 -2.42
C VAL A 616 -9.21 -19.63 -2.67
N GLY A 617 -8.34 -20.64 -2.82
CA GLY A 617 -6.93 -20.40 -3.10
C GLY A 617 -6.34 -21.42 -4.03
N VAL A 618 -5.30 -21.00 -4.73
CA VAL A 618 -4.46 -21.89 -5.56
C VAL A 618 -3.03 -21.60 -5.16
N PHE A 619 -2.33 -22.64 -4.76
CA PHE A 619 -0.87 -22.65 -4.58
C PHE A 619 -0.27 -23.43 -5.75
N ASP A 620 0.71 -22.84 -6.42
CA ASP A 620 1.33 -23.45 -7.61
C ASP A 620 2.85 -23.25 -7.57
N ARG A 621 3.53 -24.03 -6.73
CA ARG A 621 5.00 -24.11 -6.61
C ARG A 621 5.58 -22.84 -6.02
N SER A 622 5.42 -21.71 -6.69
CA SER A 622 6.08 -20.43 -6.33
C SER A 622 5.07 -19.27 -6.31
N MET A 623 3.79 -19.58 -6.23
CA MET A 623 2.70 -18.57 -6.32
C MET A 623 1.53 -19.01 -5.44
N LEU A 624 0.92 -18.03 -4.79
CA LEU A 624 -0.33 -18.21 -4.03
C LEU A 624 -1.31 -17.12 -4.45
N GLU A 625 -2.49 -17.52 -4.91
CA GLU A 625 -3.59 -16.58 -5.21
C GLU A 625 -4.78 -16.91 -4.31
N VAL A 626 -5.37 -15.88 -3.72
CA VAL A 626 -6.51 -16.09 -2.79
C VAL A 626 -7.65 -15.19 -3.26
N PHE A 627 -8.87 -15.68 -3.10
CA PHE A 627 -10.13 -15.03 -3.51
C PHE A 627 -11.09 -15.10 -2.34
N VAL A 628 -11.57 -13.95 -1.92
CA VAL A 628 -12.31 -13.83 -0.64
C VAL A 628 -13.74 -13.42 -0.98
N ASN A 629 -14.71 -14.10 -0.37
CA ASN A 629 -16.15 -13.74 -0.43
C ASN A 629 -16.57 -13.65 -1.90
N GLU A 630 -16.45 -14.77 -2.59
CA GLU A 630 -16.90 -14.94 -4.00
C GLU A 630 -16.13 -13.92 -4.87
N GLY A 631 -14.83 -13.81 -4.64
CA GLY A 631 -13.94 -13.04 -5.51
C GLY A 631 -14.07 -11.53 -5.29
N ALA A 632 -14.75 -11.11 -4.24
CA ALA A 632 -14.89 -9.69 -3.85
C ALA A 632 -13.50 -9.09 -3.64
N HIS A 633 -12.59 -9.85 -3.04
CA HIS A 633 -11.21 -9.41 -2.75
C HIS A 633 -10.25 -10.50 -3.21
N SER A 634 -9.11 -10.11 -3.76
CA SER A 634 -8.16 -11.10 -4.28
C SER A 634 -6.73 -10.58 -4.13
N ALA A 635 -5.82 -11.52 -4.07
CA ALA A 635 -4.38 -11.24 -3.90
C ALA A 635 -3.58 -12.28 -4.68
N THR A 636 -2.53 -11.81 -5.32
CA THR A 636 -1.54 -12.63 -6.03
C THR A 636 -0.20 -12.42 -5.34
N MET A 637 0.40 -13.48 -4.82
CA MET A 637 1.66 -13.36 -4.06
C MET A 637 2.68 -14.42 -4.53
N LEU A 638 3.83 -13.99 -4.99
CA LEU A 638 4.96 -14.90 -5.31
C LEU A 638 5.59 -15.38 -4.00
N VAL A 639 6.09 -16.60 -3.96
CA VAL A 639 6.87 -17.14 -2.81
C VAL A 639 8.05 -17.92 -3.39
N PHE A 640 9.24 -17.74 -2.80
CA PHE A 640 10.46 -18.45 -3.24
C PHE A 640 11.11 -19.10 -2.02
N PRO A 641 10.42 -20.07 -1.37
CA PRO A 641 10.95 -20.71 -0.18
C PRO A 641 12.20 -21.52 -0.52
N ASP A 642 13.14 -21.59 0.42
CA ASP A 642 14.40 -22.37 0.26
C ASP A 642 14.04 -23.84 0.07
N SER A 643 13.04 -24.35 0.79
CA SER A 643 12.53 -25.74 0.63
C SER A 643 11.15 -25.70 -0.03
N PRO A 644 10.83 -26.64 -0.95
CA PRO A 644 9.51 -26.67 -1.54
C PRO A 644 8.43 -26.94 -0.49
N VAL A 645 7.25 -26.40 -0.75
CA VAL A 645 6.05 -26.61 0.09
C VAL A 645 5.62 -28.06 -0.09
N GLY A 646 5.30 -28.73 1.00
CA GLY A 646 4.82 -30.13 0.98
C GLY A 646 3.53 -30.32 1.74
N SER A 647 3.09 -29.32 2.52
CA SER A 647 1.90 -29.53 3.37
C SER A 647 1.16 -28.22 3.62
N MET A 648 -0.09 -28.32 4.06
CA MET A 648 -0.84 -27.11 4.46
C MET A 648 -1.69 -27.45 5.66
N LYS A 649 -1.74 -26.53 6.63
CA LYS A 649 -2.61 -26.65 7.82
C LYS A 649 -3.70 -25.61 7.71
N VAL A 650 -4.93 -26.02 7.96
CA VAL A 650 -6.10 -25.11 8.02
C VAL A 650 -6.70 -25.27 9.40
N ALA A 651 -6.60 -24.21 10.20
CA ALA A 651 -7.13 -24.18 11.57
C ALA A 651 -8.25 -23.16 11.65
N THR A 652 -9.34 -23.52 12.30
CA THR A 652 -10.36 -22.57 12.79
C THR A 652 -10.43 -22.72 14.31
N GLY A 653 -10.81 -21.64 14.99
CA GLY A 653 -10.99 -21.59 16.44
C GLY A 653 -11.98 -20.51 16.79
N GLY A 654 -12.57 -20.62 17.98
CA GLY A 654 -13.45 -19.62 18.60
C GLY A 654 -14.72 -19.35 17.82
N LEU A 655 -15.06 -20.19 16.83
CA LEU A 655 -16.24 -19.96 15.97
C LEU A 655 -17.49 -20.11 16.82
N PRO A 656 -18.53 -19.26 16.60
CA PRO A 656 -19.74 -19.33 17.40
C PRO A 656 -20.36 -20.74 17.32
N GLU A 657 -21.07 -21.11 18.38
CA GLU A 657 -21.89 -22.34 18.42
C GLU A 657 -22.81 -22.36 17.19
N GLY A 658 -22.79 -23.44 16.40
CA GLY A 658 -23.70 -23.63 15.26
C GLY A 658 -23.13 -23.10 13.96
N THR A 659 -21.86 -22.68 13.95
CA THR A 659 -21.19 -22.23 12.71
C THR A 659 -20.92 -23.46 11.84
N GLN A 660 -21.31 -23.41 10.57
CA GLN A 660 -21.02 -24.49 9.59
C GLN A 660 -19.75 -24.14 8.82
N VAL A 661 -18.81 -25.07 8.78
CA VAL A 661 -17.53 -24.95 8.05
C VAL A 661 -17.47 -26.11 7.05
N ASN A 662 -17.04 -25.82 5.82
N ASN A 662 -17.04 -25.83 5.82
CA ASN A 662 -16.76 -26.85 4.81
CA ASN A 662 -16.77 -26.85 4.78
C ASN A 662 -15.41 -26.50 4.17
C ASN A 662 -15.41 -26.51 4.16
N LEU A 663 -14.45 -27.42 4.27
CA LEU A 663 -13.11 -27.27 3.69
C LEU A 663 -12.91 -28.37 2.66
N GLN A 664 -12.48 -27.98 1.47
CA GLN A 664 -12.19 -28.91 0.36
C GLN A 664 -10.81 -28.54 -0.19
N VAL A 665 -9.95 -29.53 -0.38
CA VAL A 665 -8.60 -29.33 -0.94
C VAL A 665 -8.38 -30.40 -2.02
N ASN A 666 -7.89 -29.97 -3.18
CA ASN A 666 -7.58 -30.87 -4.31
C ASN A 666 -6.16 -30.61 -4.80
N GLY A 667 -5.45 -31.67 -5.13
CA GLY A 667 -4.24 -31.60 -5.95
C GLY A 667 -4.63 -31.12 -7.32
N LEU A 668 -3.79 -30.31 -7.95
CA LEU A 668 -4.02 -29.87 -9.33
C LEU A 668 -3.14 -30.72 -10.25
N GLU A 669 -3.57 -30.86 -11.49
CA GLU A 669 -2.84 -31.64 -12.51
C GLU A 669 -2.01 -30.67 -13.34
N SER A 670 -0.73 -30.98 -13.52
CA SER A 670 0.17 -30.14 -14.34
C SER A 670 -0.39 -30.04 -15.76
N THR A 671 -0.22 -28.89 -16.39
CA THR A 671 -0.66 -28.60 -17.77
C THR A 671 0.52 -28.76 -18.72
N TRP A 672 1.74 -28.88 -18.21
CA TRP A 672 2.98 -28.98 -19.02
C TRP A 672 3.50 -30.42 -19.05
N GLN A 673 3.16 -31.24 -18.05
CA GLN A 673 3.81 -32.55 -17.76
C GLN A 673 2.74 -33.63 -17.61
N SER B 142 25.30 1.60 31.85
CA SER B 142 24.34 0.48 32.03
C SER B 142 23.40 0.38 30.82
N CYS B 143 22.27 -0.30 31.00
CA CYS B 143 21.29 -0.55 29.92
C CYS B 143 19.89 -0.17 30.40
N ALA B 144 19.11 0.48 29.52
CA ALA B 144 17.71 0.84 29.81
C ALA B 144 16.98 -0.43 30.23
N PRO B 145 16.12 -0.38 31.27
CA PRO B 145 15.33 -1.54 31.65
C PRO B 145 14.35 -1.95 30.52
N THR B 146 14.18 -3.26 30.34
CA THR B 146 13.30 -3.83 29.30
C THR B 146 11.91 -4.07 29.86
N SER B 147 11.78 -4.12 31.18
CA SER B 147 10.47 -4.11 31.86
C SER B 147 10.61 -3.27 33.13
N LEU B 148 9.51 -2.71 33.61
CA LEU B 148 9.53 -1.76 34.74
C LEU B 148 8.85 -2.41 35.94
N PRO B 149 9.09 -1.87 37.17
CA PRO B 149 8.39 -2.34 38.35
C PRO B 149 6.87 -2.17 38.20
N ALA B 150 6.12 -3.03 38.90
CA ALA B 150 4.64 -3.07 38.85
C ALA B 150 4.07 -1.71 39.26
N SER B 151 4.71 -0.96 40.14
CA SER B 151 4.19 0.36 40.58
C SER B 151 4.24 1.36 39.41
N ALA B 152 5.21 1.23 38.49
CA ALA B 152 5.33 2.11 37.31
C ALA B 152 4.32 1.73 36.21
N THR B 153 3.86 0.47 36.15
CA THR B 153 2.99 -0.02 35.04
C THR B 153 1.56 -0.25 35.50
N GLU B 154 1.34 -0.39 36.80
CA GLU B 154 -0.03 -0.58 37.34
C GLU B 154 -0.84 0.67 37.03
N LEU B 155 -2.07 0.46 36.54
CA LEU B 155 -2.97 1.56 36.14
C LEU B 155 -4.02 1.72 37.23
N PRO B 156 -4.47 2.96 37.48
CA PRO B 156 -5.52 3.19 38.48
C PRO B 156 -6.82 2.49 38.08
N THR B 157 -7.64 2.17 39.07
CA THR B 157 -8.97 1.55 38.89
C THR B 157 -10.01 2.65 38.65
N THR B 158 -9.73 3.88 39.08
CA THR B 158 -10.57 5.05 38.75
C THR B 158 -9.66 6.14 38.16
N VAL B 159 -10.23 6.91 37.25
CA VAL B 159 -9.50 7.95 36.49
C VAL B 159 -9.16 9.09 37.46
N PRO B 160 -7.87 9.43 37.61
CA PRO B 160 -7.47 10.59 38.39
C PRO B 160 -8.04 11.90 37.81
N THR B 161 -8.70 12.68 38.66
CA THR B 161 -9.19 14.04 38.32
C THR B 161 -8.31 15.07 39.04
N GLY B 162 -7.91 16.11 38.32
CA GLY B 162 -7.16 17.26 38.86
C GLY B 162 -5.74 16.90 39.24
N THR B 163 -5.25 15.73 38.85
CA THR B 163 -3.90 15.24 39.23
C THR B 163 -3.16 14.81 37.96
N VAL B 164 -1.88 15.12 37.88
CA VAL B 164 -1.02 14.67 36.75
C VAL B 164 -0.62 13.22 37.00
N ILE B 165 -0.86 12.36 36.02
CA ILE B 165 -0.44 10.93 36.12
C ILE B 165 1.08 10.87 35.97
N THR B 166 1.71 10.19 36.93
CA THR B 166 3.19 10.13 37.03
C THR B 166 3.65 9.00 36.12
N GLY B 167 4.77 9.19 35.46
CA GLY B 167 5.25 8.24 34.46
C GLY B 167 6.72 7.97 34.61
N ASP B 168 7.07 6.70 34.43
CA ASP B 168 8.47 6.26 34.29
C ASP B 168 8.81 6.18 32.80
N TYR B 169 9.72 7.02 32.33
CA TYR B 169 10.08 7.17 30.90
C TYR B 169 11.42 6.49 30.57
N THR B 170 11.82 5.43 31.27
CA THR B 170 13.20 4.88 31.12
C THR B 170 13.23 3.60 30.27
N GLY B 171 12.09 3.04 29.89
CA GLY B 171 12.05 1.75 29.17
C GLY B 171 12.87 1.77 27.89
N SER B 172 13.47 0.65 27.54
CA SER B 172 14.31 0.49 26.33
C SER B 172 13.54 0.82 25.04
N TYR B 173 12.20 0.78 25.05
CA TYR B 173 11.37 1.15 23.87
C TYR B 173 10.81 2.58 24.01
N ARG B 174 10.98 3.23 25.16
CA ARG B 174 10.31 4.53 25.41
C ARG B 174 11.03 5.59 24.60
N PRO B 175 10.37 6.22 23.61
CA PRO B 175 11.01 7.29 22.85
C PRO B 175 11.38 8.43 23.83
N GLN B 176 12.53 9.05 23.59
CA GLN B 176 13.10 10.07 24.49
C GLN B 176 12.88 11.48 23.94
N VAL B 177 12.51 11.65 22.66
CA VAL B 177 12.23 13.01 22.11
C VAL B 177 10.84 13.06 21.44
N HIS B 178 10.05 12.00 21.53
CA HIS B 178 8.63 11.98 21.08
C HIS B 178 7.74 11.98 22.30
N TYR B 179 6.53 12.50 22.17
CA TYR B 179 5.54 12.42 23.27
C TYR B 179 4.97 11.00 23.37
N SER B 180 4.87 10.50 24.60
CA SER B 180 4.10 9.28 24.94
C SER B 180 3.44 9.51 26.30
N PRO B 181 2.28 8.88 26.60
CA PRO B 181 1.58 9.17 27.84
C PRO B 181 2.35 8.56 29.02
N PRO B 182 2.21 9.12 30.23
CA PRO B 182 3.00 8.66 31.38
C PRO B 182 2.71 7.18 31.68
N LYS B 183 1.43 6.81 31.69
CA LYS B 183 0.96 5.41 31.72
C LYS B 183 -0.25 5.26 30.82
N GLY B 184 -0.49 4.05 30.35
CA GLY B 184 -1.74 3.70 29.66
C GLY B 184 -1.59 3.78 28.16
N PHE B 185 -2.74 3.87 27.47
CA PHE B 185 -2.81 3.77 25.99
C PHE B 185 -3.26 5.11 25.41
N MET B 186 -2.51 5.59 24.44
CA MET B 186 -2.82 6.85 23.74
C MET B 186 -3.12 6.58 22.26
N ASN B 187 -4.03 7.33 21.66
CA ASN B 187 -4.12 7.35 20.18
C ASN B 187 -4.19 8.81 19.69
N ASP B 188 -5.24 9.16 18.94
CA ASP B 188 -5.24 10.37 18.08
C ASP B 188 -4.84 11.62 18.85
N PRO B 189 -3.99 12.50 18.28
CA PRO B 189 -3.86 13.86 18.80
C PRO B 189 -5.15 14.66 18.66
N ASN B 190 -5.44 15.47 19.67
CA ASN B 190 -6.72 16.19 19.80
C ASN B 190 -6.42 17.60 20.28
N GLY B 191 -7.31 18.54 19.97
CA GLY B 191 -7.34 19.89 20.52
C GLY B 191 -6.03 20.63 20.32
N CYS B 192 -5.25 20.28 19.32
CA CYS B 192 -3.90 20.84 19.12
C CYS B 192 -3.98 22.33 18.79
N HIS B 193 -3.28 23.15 19.56
CA HIS B 193 -3.27 24.60 19.35
C HIS B 193 -2.10 25.21 20.09
N ARG B 194 -1.65 26.36 19.63
CA ARG B 194 -0.61 27.16 20.32
C ARG B 194 -1.32 28.32 21.00
N ASP B 195 -1.21 28.44 22.32
CA ASP B 195 -1.84 29.56 23.05
C ASP B 195 -1.07 30.86 22.74
N ARG B 196 -1.57 31.97 23.26
CA ARG B 196 -1.03 33.31 22.91
C ARG B 196 0.34 33.52 23.58
N ASN B 197 0.67 32.74 24.62
CA ASN B 197 2.01 32.80 25.26
C ASN B 197 3.02 31.90 24.55
N GLY B 198 2.64 31.29 23.43
CA GLY B 198 3.58 30.49 22.62
C GLY B 198 3.63 29.04 23.07
N THR B 199 2.84 28.65 24.06
CA THR B 199 2.82 27.25 24.56
C THR B 199 1.95 26.39 23.65
N TYR B 200 2.52 25.30 23.15
CA TYR B 200 1.75 24.28 22.37
C TYR B 200 0.98 23.42 23.36
N HIS B 201 -0.31 23.26 23.11
CA HIS B 201 -1.16 22.33 23.87
C HIS B 201 -1.41 21.12 22.98
N LEU B 202 -0.99 19.95 23.46
CA LEU B 202 -1.32 18.66 22.83
C LEU B 202 -2.35 17.99 23.72
N TYR B 203 -3.53 17.67 23.20
CA TYR B 203 -4.44 16.74 23.88
C TYR B 203 -4.40 15.44 23.08
N TYR B 204 -4.97 14.38 23.62
CA TYR B 204 -4.88 13.07 22.95
C TYR B 204 -5.94 12.13 23.50
N GLN B 205 -6.44 11.27 22.62
CA GLN B 205 -7.28 10.12 22.99
C GLN B 205 -6.50 9.28 24.00
N TYR B 206 -7.09 9.05 25.16
CA TYR B 206 -6.37 8.47 26.32
C TYR B 206 -7.27 7.46 27.02
N ASN B 207 -6.78 6.23 27.12
CA ASN B 207 -7.33 5.21 28.05
C ASN B 207 -6.45 5.18 29.29
N PRO B 208 -6.85 5.85 30.39
CA PRO B 208 -5.99 5.86 31.58
C PRO B 208 -6.09 4.56 32.38
N LEU B 209 -6.98 3.65 31.99
CA LEU B 209 -7.36 2.46 32.78
C LEU B 209 -6.84 1.16 32.18
N GLU B 210 -6.38 1.17 30.93
CA GLU B 210 -5.92 -0.07 30.23
C GLU B 210 -4.83 0.29 29.23
N TYR B 211 -4.17 -0.73 28.70
CA TYR B 211 -3.13 -0.58 27.66
C TYR B 211 -3.73 -0.86 26.27
N VAL B 212 -5.03 -0.69 26.12
CA VAL B 212 -5.71 -0.82 24.80
C VAL B 212 -6.67 0.35 24.69
N ALA B 213 -7.23 0.54 23.50
CA ALA B 213 -8.11 1.70 23.25
C ALA B 213 -9.38 1.49 24.06
N GLY B 214 -9.95 2.57 24.55
CA GLY B 214 -11.25 2.59 25.23
C GLY B 214 -11.29 3.65 26.29
N ASN B 215 -12.43 3.77 26.98
CA ASN B 215 -12.63 4.69 28.12
C ASN B 215 -12.08 6.08 27.77
N GLN B 216 -12.28 6.55 26.54
CA GLN B 216 -11.49 7.69 26.02
C GLN B 216 -11.79 8.95 26.83
N HIS B 217 -10.71 9.54 27.32
CA HIS B 217 -10.64 10.91 27.86
C HIS B 217 -9.68 11.70 26.95
N TRP B 218 -9.61 13.00 27.12
CA TRP B 218 -8.52 13.81 26.55
C TRP B 218 -7.42 13.94 27.59
N GLY B 219 -6.27 13.31 27.33
CA GLY B 219 -5.02 13.64 28.03
C GLY B 219 -4.53 14.99 27.58
N HIS B 220 -3.55 15.54 28.30
CA HIS B 220 -3.06 16.91 28.01
C HIS B 220 -1.58 16.99 28.35
N ALA B 221 -0.78 17.49 27.42
CA ALA B 221 0.62 17.84 27.69
C ALA B 221 0.89 19.19 27.05
N THR B 222 1.81 19.94 27.63
CA THR B 222 2.20 21.27 27.10
C THR B 222 3.68 21.28 26.77
N SER B 223 4.04 22.10 25.81
CA SER B 223 5.46 22.27 25.42
C SER B 223 5.60 23.64 24.79
N ASP B 224 6.74 24.26 24.99
CA ASP B 224 7.09 25.55 24.33
C ASP B 224 7.84 25.25 23.04
N ASP B 225 8.40 24.06 22.88
CA ASP B 225 9.29 23.77 21.72
C ASP B 225 8.85 22.50 20.97
N LEU B 226 7.77 21.84 21.40
CA LEU B 226 7.22 20.59 20.80
C LEU B 226 8.16 19.40 21.01
N TYR B 227 9.12 19.49 21.95
CA TYR B 227 10.03 18.36 22.30
C TYR B 227 10.04 18.14 23.81
N HIS B 228 10.21 19.20 24.59
CA HIS B 228 10.15 19.12 26.08
C HIS B 228 8.70 19.28 26.52
N TRP B 229 8.09 18.16 26.93
CA TRP B 229 6.66 18.10 27.29
C TRP B 229 6.50 18.12 28.79
N THR B 230 5.43 18.75 29.24
CA THR B 230 4.97 18.70 30.63
C THR B 230 3.61 18.02 30.60
N ASN B 231 3.50 16.91 31.33
CA ASN B 231 2.20 16.22 31.47
C ASN B 231 1.28 17.10 32.32
N GLN B 232 0.02 17.15 31.96
CA GLN B 232 -0.99 17.99 32.65
C GLN B 232 -2.07 17.05 33.12
N PRO B 233 -2.97 17.51 34.01
CA PRO B 233 -4.11 16.67 34.39
C PRO B 233 -4.97 16.41 33.15
N ILE B 234 -5.82 15.39 33.26
CA ILE B 234 -6.77 15.02 32.18
C ILE B 234 -7.68 16.23 31.95
N ALA B 235 -7.91 16.60 30.70
CA ALA B 235 -8.61 17.86 30.34
C ALA B 235 -10.10 17.62 30.12
N ILE B 236 -10.51 16.55 29.43
CA ILE B 236 -11.96 16.31 29.14
C ILE B 236 -12.30 14.89 29.55
N PHE B 237 -13.38 14.74 30.30
CA PHE B 237 -13.91 13.49 30.88
C PHE B 237 -15.27 13.22 30.28
N PRO B 238 -15.64 11.95 30.06
CA PRO B 238 -17.00 11.62 29.63
C PRO B 238 -17.96 11.88 30.79
N PRO B 239 -19.27 12.04 30.52
CA PRO B 239 -20.24 12.25 31.58
C PRO B 239 -20.48 11.03 32.49
N ASN B 240 -20.18 9.82 32.02
CA ASN B 240 -20.45 8.55 32.75
C ASN B 240 -19.52 7.48 32.19
N SER B 241 -19.64 6.24 32.67
CA SER B 241 -18.75 5.11 32.30
C SER B 241 -19.22 4.47 30.99
N THR B 242 -20.38 4.85 30.45
CA THR B 242 -20.91 4.27 29.20
C THR B 242 -20.83 5.31 28.07
N SER B 243 -19.97 6.30 28.21
CA SER B 243 -19.69 7.30 27.15
C SER B 243 -18.19 7.54 27.09
N GLN B 244 -17.71 7.98 25.94
CA GLN B 244 -16.27 8.22 25.72
C GLN B 244 -16.10 9.55 25.00
N VAL B 245 -15.00 10.24 25.33
CA VAL B 245 -14.66 11.51 24.67
C VAL B 245 -13.78 11.17 23.48
N PHE B 246 -14.37 11.16 22.29
CA PHE B 246 -13.66 10.88 21.03
C PHE B 246 -12.98 12.15 20.56
N SER B 247 -12.44 12.07 19.36
CA SER B 247 -11.50 13.07 18.84
C SER B 247 -12.21 14.39 18.56
N GLY B 248 -11.42 15.45 18.52
CA GLY B 248 -11.93 16.78 18.20
C GLY B 248 -10.80 17.76 18.19
N SER B 249 -11.17 19.02 18.19
CA SER B 249 -10.23 20.14 17.96
C SER B 249 -10.48 21.21 19.00
N ALA B 250 -9.58 22.17 19.05
CA ALA B 250 -9.72 23.31 19.97
C ALA B 250 -9.32 24.57 19.24
N VAL B 251 -9.99 25.66 19.60
CA VAL B 251 -9.69 27.00 19.03
C VAL B 251 -9.67 28.02 20.17
N LEU B 252 -8.83 29.03 20.03
CA LEU B 252 -8.95 30.28 20.82
C LEU B 252 -10.15 31.07 20.30
N ASP B 253 -10.88 31.71 21.21
CA ASP B 253 -12.03 32.57 20.87
C ASP B 253 -11.76 33.96 21.44
N PRO B 254 -10.76 34.70 20.91
CA PRO B 254 -10.33 35.94 21.52
C PRO B 254 -11.39 37.06 21.48
N ASN B 255 -12.32 37.02 20.51
CA ASN B 255 -13.36 38.06 20.33
C ASN B 255 -14.67 37.62 21.02
N ASN B 256 -14.66 36.50 21.74
CA ASN B 256 -15.82 36.03 22.52
C ASN B 256 -17.03 35.87 21.59
N THR B 257 -16.83 35.32 20.39
CA THR B 257 -17.98 34.94 19.51
C THR B 257 -18.87 33.95 20.28
N SER B 258 -18.28 33.10 21.09
CA SER B 258 -19.00 31.98 21.76
C SER B 258 -19.94 32.51 22.83
N GLY B 259 -19.61 33.65 23.45
CA GLY B 259 -20.32 34.15 24.64
C GLY B 259 -19.75 33.58 25.94
N PHE B 260 -18.76 32.68 25.91
CA PHE B 260 -18.24 32.03 27.15
C PHE B 260 -17.21 32.94 27.83
N PHE B 261 -16.73 33.98 27.16
CA PHE B 261 -15.49 34.69 27.54
C PHE B 261 -15.73 36.19 27.63
N PRO B 262 -16.70 36.67 28.44
CA PRO B 262 -16.98 38.11 28.52
C PRO B 262 -15.79 38.94 29.02
N ASN B 263 -14.89 38.34 29.80
CA ASN B 263 -13.85 39.11 30.53
C ASN B 263 -12.45 38.53 30.25
N THR B 264 -12.27 37.84 29.12
CA THR B 264 -10.97 37.24 28.79
C THR B 264 -10.82 37.21 27.27
N THR B 265 -9.56 37.22 26.82
CA THR B 265 -9.22 37.15 25.38
C THR B 265 -8.52 35.85 25.04
N ASP B 266 -8.35 34.92 25.97
CA ASP B 266 -7.63 33.65 25.68
C ASP B 266 -8.53 32.47 26.07
N GLY B 267 -9.85 32.66 25.96
CA GLY B 267 -10.80 31.53 26.07
C GLY B 267 -10.46 30.45 25.06
N VAL B 268 -10.52 29.19 25.48
CA VAL B 268 -10.32 28.01 24.58
C VAL B 268 -11.64 27.27 24.51
N VAL B 269 -12.08 26.95 23.30
CA VAL B 269 -13.26 26.09 23.05
C VAL B 269 -12.78 24.77 22.43
N ALA B 270 -13.16 23.65 23.05
CA ALA B 270 -12.94 22.29 22.54
C ALA B 270 -14.23 21.88 21.84
N VAL B 271 -14.10 21.35 20.63
CA VAL B 271 -15.22 20.74 19.90
C VAL B 271 -14.82 19.29 19.64
N TYR B 272 -15.61 18.38 20.18
CA TYR B 272 -15.23 16.95 20.20
C TYR B 272 -16.47 16.10 20.04
N THR B 273 -16.23 14.87 19.61
CA THR B 273 -17.26 13.82 19.48
C THR B 273 -17.46 13.16 20.84
N LEU B 274 -18.70 13.07 21.27
CA LEU B 274 -19.06 12.22 22.43
C LEU B 274 -19.63 10.92 21.87
N ASN B 275 -18.97 9.83 22.19
CA ASN B 275 -19.40 8.49 21.76
C ASN B 275 -20.29 7.90 22.84
N THR B 276 -21.50 7.48 22.46
CA THR B 276 -22.41 6.65 23.28
C THR B 276 -22.61 5.31 22.57
N PRO B 277 -23.22 4.30 23.23
CA PRO B 277 -23.48 3.02 22.55
C PRO B 277 -24.24 3.16 21.23
N THR B 278 -25.17 4.12 21.12
CA THR B 278 -26.02 4.23 19.92
C THR B 278 -25.68 5.46 19.05
N LEU B 279 -24.99 6.46 19.58
CA LEU B 279 -24.84 7.73 18.81
C LEU B 279 -23.42 8.28 18.92
N GLN B 280 -23.07 9.07 17.92
CA GLN B 280 -21.89 9.95 17.93
C GLN B 280 -22.40 11.36 17.67
N VAL B 281 -22.16 12.26 18.61
CA VAL B 281 -22.64 13.66 18.53
C VAL B 281 -21.45 14.58 18.79
N GLN B 282 -21.59 15.83 18.37
CA GLN B 282 -20.55 16.84 18.58
C GLN B 282 -20.95 17.66 19.80
N GLU B 283 -19.95 17.93 20.64
CA GLU B 283 -20.16 18.65 21.91
C GLU B 283 -19.13 19.76 21.99
N VAL B 284 -19.47 20.77 22.79
CA VAL B 284 -18.56 21.91 23.07
C VAL B 284 -18.23 21.89 24.56
N ALA B 285 -16.98 22.19 24.87
CA ALA B 285 -16.55 22.54 26.24
C ALA B 285 -15.63 23.75 26.15
N TYR B 286 -15.61 24.57 27.18
CA TYR B 286 -14.82 25.81 27.18
C TYR B 286 -13.91 25.83 28.40
N SER B 287 -12.75 26.42 28.22
CA SER B 287 -11.77 26.64 29.31
C SER B 287 -11.45 28.14 29.39
N THR B 288 -11.43 28.67 30.61
CA THR B 288 -11.01 30.07 30.87
C THR B 288 -9.63 30.11 31.55
N ASP B 289 -9.01 28.96 31.83
CA ASP B 289 -7.71 28.96 32.56
C ASP B 289 -6.58 28.63 31.59
N GLY B 290 -6.80 28.74 30.28
CA GLY B 290 -5.75 28.49 29.27
C GLY B 290 -5.74 27.06 28.77
N GLY B 291 -6.83 26.30 28.97
CA GLY B 291 -7.01 24.98 28.34
C GLY B 291 -6.61 23.82 29.24
N TYR B 292 -6.67 23.99 30.56
CA TYR B 292 -6.33 22.93 31.54
C TYR B 292 -7.62 22.31 32.07
N ASN B 293 -8.59 23.15 32.40
CA ASN B 293 -9.88 22.73 32.99
C ASN B 293 -11.00 23.19 32.07
N PHE B 294 -11.86 22.27 31.68
CA PHE B 294 -12.96 22.55 30.74
C PHE B 294 -14.30 22.33 31.40
N THR B 295 -15.26 23.17 31.02
CA THR B 295 -16.65 23.04 31.47
C THR B 295 -17.51 22.73 30.25
N PRO B 296 -18.38 21.70 30.33
CA PRO B 296 -19.28 21.41 29.22
C PRO B 296 -20.26 22.55 28.97
N TYR B 297 -20.53 22.79 27.69
CA TYR B 297 -21.59 23.73 27.27
C TYR B 297 -22.91 23.16 27.78
N GLU B 298 -23.70 24.01 28.44
CA GLU B 298 -24.97 23.61 29.12
C GLU B 298 -25.96 22.99 28.13
N ASN B 299 -25.93 23.33 26.84
CA ASN B 299 -26.94 22.84 25.86
C ASN B 299 -26.33 21.83 24.88
N ASN B 300 -25.29 21.11 25.28
CA ASN B 300 -24.74 19.98 24.49
C ASN B 300 -25.85 18.97 24.23
N PRO B 301 -25.85 18.25 23.09
CA PRO B 301 -24.82 18.40 22.05
C PRO B 301 -25.10 19.59 21.13
N VAL B 302 -24.07 20.10 20.45
CA VAL B 302 -24.22 21.23 19.50
C VAL B 302 -24.57 20.70 18.10
N LEU B 303 -24.37 19.41 17.82
CA LEU B 303 -24.66 18.89 16.46
C LEU B 303 -24.81 17.38 16.51
N SER B 304 -26.01 16.92 16.17
CA SER B 304 -26.31 15.48 15.95
C SER B 304 -27.08 15.33 14.64
N VAL B 305 -26.80 14.29 13.88
CA VAL B 305 -27.57 13.95 12.65
C VAL B 305 -28.23 12.58 12.84
N GLY B 306 -28.34 12.10 14.07
CA GLY B 306 -28.92 10.78 14.37
C GLY B 306 -28.06 9.66 13.84
N SER B 307 -26.74 9.81 13.86
CA SER B 307 -25.80 8.81 13.32
C SER B 307 -24.91 8.27 14.43
N ASN B 308 -24.42 7.06 14.23
CA ASN B 308 -23.43 6.38 15.08
C ASN B 308 -22.05 6.42 14.41
N GLN B 309 -21.91 7.13 13.31
CA GLN B 309 -20.65 7.20 12.53
C GLN B 309 -20.51 8.65 12.05
N PHE B 310 -20.14 9.53 12.97
CA PHE B 310 -20.21 11.00 12.76
C PHE B 310 -19.28 11.65 13.77
N ARG B 311 -18.04 11.91 13.37
CA ARG B 311 -17.00 12.16 14.39
C ARG B 311 -15.80 12.97 13.87
N ASP B 312 -15.00 13.45 14.82
CA ASP B 312 -13.67 14.05 14.64
C ASP B 312 -13.79 15.47 14.09
N PRO B 313 -14.53 16.39 14.73
CA PRO B 313 -14.71 17.73 14.19
C PRO B 313 -13.42 18.54 14.32
N LYS B 314 -13.02 19.14 13.22
CA LYS B 314 -11.88 20.06 13.15
C LYS B 314 -12.46 21.43 12.86
N VAL B 315 -12.35 22.35 13.81
CA VAL B 315 -12.98 23.68 13.71
C VAL B 315 -11.88 24.72 13.54
N PHE B 316 -12.18 25.76 12.77
CA PHE B 316 -11.24 26.86 12.53
C PHE B 316 -12.02 28.09 12.09
N TRP B 317 -11.42 29.26 12.28
CA TRP B 317 -12.00 30.55 11.86
C TRP B 317 -11.68 30.79 10.38
N TYR B 318 -12.68 31.19 9.62
CA TYR B 318 -12.49 31.64 8.22
C TYR B 318 -13.20 32.98 8.02
N GLU B 319 -12.45 34.08 8.14
CA GLU B 319 -12.89 35.48 7.82
C GLU B 319 -13.99 35.98 8.76
N ASP B 320 -15.19 35.44 8.70
CA ASP B 320 -16.35 36.00 9.43
C ASP B 320 -17.18 34.91 10.10
N HIS B 321 -16.71 33.66 10.14
CA HIS B 321 -17.50 32.58 10.73
C HIS B 321 -16.58 31.41 11.08
N TRP B 322 -17.10 30.51 11.90
CA TRP B 322 -16.41 29.25 12.25
C TRP B 322 -16.77 28.21 11.20
N VAL B 323 -15.82 27.36 10.89
CA VAL B 323 -15.99 26.20 9.97
C VAL B 323 -15.71 24.93 10.78
N MET B 324 -16.55 23.93 10.60
CA MET B 324 -16.31 22.58 11.13
C MET B 324 -16.21 21.63 9.96
N ALA B 325 -15.11 20.89 9.86
CA ALA B 325 -15.02 19.69 9.02
C ALA B 325 -15.21 18.48 9.94
N VAL B 326 -16.20 17.64 9.63
CA VAL B 326 -16.54 16.47 10.47
C VAL B 326 -16.76 15.25 9.56
N ALA B 327 -16.38 14.07 10.01
CA ALA B 327 -16.41 12.85 9.17
C ALA B 327 -17.72 12.13 9.36
N ALA B 328 -18.52 12.03 8.30
CA ALA B 328 -19.59 11.01 8.21
C ALA B 328 -18.87 9.72 7.79
N ALA B 329 -18.28 9.03 8.78
CA ALA B 329 -17.12 8.14 8.61
C ALA B 329 -17.45 7.04 7.59
N ASN B 330 -18.57 6.34 7.75
CA ASN B 330 -18.88 5.12 6.96
C ASN B 330 -19.59 5.49 5.66
N ASP B 331 -19.85 6.78 5.43
CA ASP B 331 -20.38 7.32 4.17
C ASP B 331 -19.24 7.89 3.32
N PHE B 332 -18.00 7.85 3.80
CA PHE B 332 -16.83 8.41 3.08
C PHE B 332 -17.14 9.84 2.66
N THR B 333 -17.63 10.62 3.61
CA THR B 333 -18.00 12.03 3.39
C THR B 333 -17.40 12.90 4.50
N ILE B 334 -16.71 13.95 4.12
CA ILE B 334 -16.43 15.06 5.06
C ILE B 334 -17.55 16.08 4.90
N GLU B 335 -18.27 16.33 5.99
CA GLU B 335 -19.33 17.35 6.02
C GLU B 335 -18.71 18.66 6.48
N ILE B 336 -19.07 19.75 5.82
CA ILE B 336 -18.64 21.10 6.27
C ILE B 336 -19.85 21.83 6.84
N TYR B 337 -19.73 22.26 8.09
CA TYR B 337 -20.75 23.07 8.78
C TYR B 337 -20.13 24.43 9.12
N THR B 338 -20.98 25.44 9.27
CA THR B 338 -20.54 26.80 9.65
C THR B 338 -21.31 27.25 10.87
N SER B 339 -20.74 28.19 11.62
CA SER B 339 -21.33 28.72 12.87
C SER B 339 -20.84 30.12 13.13
N PRO B 340 -21.70 31.02 13.64
CA PRO B 340 -21.22 32.32 14.11
C PRO B 340 -20.63 32.22 15.52
N ASN B 341 -20.93 31.17 16.29
CA ASN B 341 -20.63 31.18 17.74
C ASN B 341 -20.15 29.83 18.31
N LEU B 342 -19.89 28.82 17.47
CA LEU B 342 -19.37 27.48 17.86
C LEU B 342 -20.42 26.60 18.51
N THR B 343 -21.64 27.08 18.76
CA THR B 343 -22.67 26.25 19.41
C THR B 343 -23.87 25.98 18.50
N SER B 344 -24.13 26.81 17.50
CA SER B 344 -25.22 26.56 16.53
C SER B 344 -24.58 26.39 15.15
N TRP B 345 -24.77 25.22 14.56
CA TRP B 345 -24.06 24.76 13.33
C TRP B 345 -25.03 24.55 12.19
N THR B 346 -24.69 25.08 11.02
CA THR B 346 -25.53 24.97 9.82
C THR B 346 -24.75 24.22 8.73
N PHE B 347 -25.42 23.28 8.04
CA PHE B 347 -24.78 22.47 6.98
C PHE B 347 -24.41 23.36 5.79
N ALA B 348 -23.19 23.23 5.27
CA ALA B 348 -22.75 24.00 4.08
C ALA B 348 -22.57 23.08 2.88
N SER B 349 -21.76 22.04 2.99
CA SER B 349 -21.36 21.24 1.80
C SER B 349 -20.80 19.89 2.23
N ASN B 350 -20.74 18.98 1.26
CA ASN B 350 -20.19 17.62 1.38
C ASN B 350 -18.97 17.47 0.49
N PHE B 351 -18.01 16.70 0.98
CA PHE B 351 -16.85 16.26 0.17
C PHE B 351 -16.87 14.73 0.25
N THR B 352 -17.33 14.06 -0.81
CA THR B 352 -17.67 12.63 -0.71
C THR B 352 -16.89 11.80 -1.73
N HIS B 353 -16.47 10.61 -1.31
CA HIS B 353 -15.94 9.53 -2.20
C HIS B 353 -14.74 10.07 -2.99
N HIS B 354 -13.80 10.65 -2.27
CA HIS B 354 -12.54 11.16 -2.87
C HIS B 354 -11.39 10.29 -2.39
N GLY B 355 -10.44 10.11 -3.27
CA GLY B 355 -9.21 9.35 -3.00
C GLY B 355 -9.54 7.93 -2.58
N LEU B 356 -8.68 7.38 -1.73
CA LEU B 356 -8.85 6.02 -1.20
C LEU B 356 -9.96 6.03 -0.16
N LEU B 357 -10.85 5.04 -0.23
CA LEU B 357 -12.00 5.00 0.70
C LEU B 357 -11.54 4.35 2.01
N GLY B 358 -10.71 3.32 1.92
CA GLY B 358 -10.52 2.43 3.06
C GLY B 358 -11.88 1.97 3.57
N LEU B 359 -12.03 1.84 4.88
CA LEU B 359 -13.32 1.40 5.48
C LEU B 359 -14.01 2.58 6.15
N ALA B 360 -13.36 3.73 6.28
CA ALA B 360 -13.96 4.88 6.96
C ALA B 360 -13.08 6.11 6.73
N TYR B 361 -13.72 7.26 6.60
CA TYR B 361 -13.07 8.58 6.73
C TYR B 361 -12.99 8.93 8.21
N GLU B 362 -11.84 9.43 8.65
CA GLU B 362 -11.64 9.88 10.04
C GLU B 362 -10.79 11.15 10.07
N CYS B 363 -10.83 11.84 11.19
CA CYS B 363 -9.94 12.97 11.55
C CYS B 363 -9.66 13.88 10.36
N PRO B 364 -10.69 14.49 9.73
CA PRO B 364 -10.44 15.42 8.64
C PRO B 364 -9.75 16.67 9.18
N ASN B 365 -8.78 17.17 8.44
CA ASN B 365 -8.16 18.50 8.69
C ASN B 365 -8.24 19.30 7.39
N LEU B 366 -8.85 20.47 7.45
CA LEU B 366 -8.94 21.42 6.34
C LEU B 366 -8.09 22.62 6.71
N VAL B 367 -6.94 22.72 6.05
CA VAL B 367 -5.87 23.64 6.52
C VAL B 367 -5.30 24.35 5.32
N GLN B 368 -4.75 25.53 5.60
CA GLN B 368 -4.04 26.34 4.60
C GLN B 368 -2.56 26.10 4.81
N VAL B 369 -1.87 25.69 3.75
CA VAL B 369 -0.49 25.21 3.84
C VAL B 369 0.36 26.10 2.93
N PRO B 370 1.46 26.68 3.44
CA PRO B 370 2.32 27.49 2.59
C PRO B 370 3.14 26.66 1.59
N PHE B 371 3.53 27.33 0.51
CA PHE B 371 4.42 26.78 -0.54
C PHE B 371 5.85 26.75 0.01
N GLN B 372 6.53 25.63 -0.18
CA GLN B 372 7.90 25.44 0.34
C GLN B 372 8.85 26.47 -0.30
N ASP B 373 8.72 26.71 -1.60
CA ASP B 373 9.65 27.58 -2.37
C ASP B 373 9.21 29.05 -2.28
N ASP B 374 8.09 29.35 -1.65
CA ASP B 374 7.58 30.74 -1.51
C ASP B 374 6.50 30.78 -0.44
N PRO B 375 6.86 31.00 0.84
CA PRO B 375 5.91 30.86 1.93
C PRO B 375 4.86 31.98 1.96
N SER B 376 4.97 32.96 1.07
CA SER B 376 3.94 34.01 0.89
C SER B 376 2.72 33.41 0.16
N LYS B 377 2.92 32.31 -0.55
CA LYS B 377 1.85 31.60 -1.30
C LYS B 377 1.37 30.39 -0.51
N SER B 378 0.15 29.95 -0.77
CA SER B 378 -0.48 28.85 -0.01
C SER B 378 -1.64 28.27 -0.80
N ALA B 379 -2.08 27.10 -0.40
CA ALA B 379 -3.31 26.50 -0.91
C ALA B 379 -3.97 25.77 0.24
N TRP B 380 -5.25 25.51 0.09
CA TRP B 380 -5.97 24.68 1.04
C TRP B 380 -5.67 23.21 0.75
N LEU B 381 -5.74 22.43 1.82
CA LEU B 381 -5.51 21.00 1.78
C LEU B 381 -6.56 20.36 2.67
N MET B 382 -7.23 19.35 2.13
CA MET B 382 -8.08 18.43 2.93
C MET B 382 -7.23 17.20 3.23
N TYR B 383 -6.98 16.95 4.50
CA TYR B 383 -6.21 15.78 4.98
C TYR B 383 -7.22 14.84 5.61
N ILE B 384 -7.23 13.59 5.15
CA ILE B 384 -8.21 12.59 5.66
C ILE B 384 -7.44 11.36 6.09
N SER B 385 -7.70 10.89 7.29
CA SER B 385 -7.22 9.59 7.77
C SER B 385 -8.24 8.51 7.40
N ILE B 386 -7.78 7.35 6.97
CA ILE B 386 -8.70 6.21 6.67
C ILE B 386 -8.27 5.00 7.50
N ASN B 387 -9.24 4.31 8.07
CA ASN B 387 -8.99 3.05 8.82
C ASN B 387 -10.27 2.26 8.97
N PRO B 388 -10.22 0.90 8.86
CA PRO B 388 -9.10 0.20 8.22
C PRO B 388 -9.08 0.42 6.69
N GLY B 389 -8.48 -0.52 5.96
CA GLY B 389 -8.56 -0.53 4.49
C GLY B 389 -7.45 0.26 3.81
N ALA B 390 -6.45 0.75 4.54
CA ALA B 390 -5.26 1.39 3.91
C ALA B 390 -4.54 0.36 3.06
N PRO B 391 -3.88 0.76 1.96
CA PRO B 391 -3.21 -0.20 1.07
C PRO B 391 -2.14 -1.06 1.75
N LEU B 392 -1.36 -0.50 2.67
CA LEU B 392 -0.33 -1.28 3.42
C LEU B 392 -1.00 -2.08 4.53
N GLY B 393 -2.32 -1.92 4.68
CA GLY B 393 -3.07 -2.55 5.76
C GLY B 393 -3.32 -1.57 6.86
N GLY B 394 -4.55 -1.56 7.38
CA GLY B 394 -4.89 -0.76 8.55
C GLY B 394 -5.14 0.69 8.16
N SER B 395 -4.38 1.57 8.80
CA SER B 395 -4.65 3.02 8.88
C SER B 395 -3.61 3.78 8.04
N VAL B 396 -4.01 4.90 7.47
CA VAL B 396 -3.08 5.77 6.69
C VAL B 396 -3.73 7.13 6.52
N GLY B 397 -2.91 8.14 6.26
CA GLY B 397 -3.37 9.50 5.94
C GLY B 397 -3.27 9.74 4.46
N GLN B 398 -4.20 10.51 3.92
CA GLN B 398 -4.15 10.97 2.51
C GLN B 398 -4.54 12.43 2.48
N TYR B 399 -4.30 13.10 1.37
CA TYR B 399 -4.58 14.54 1.29
C TYR B 399 -4.99 14.92 -0.12
N PHE B 400 -5.54 16.12 -0.24
CA PHE B 400 -6.12 16.67 -1.49
C PHE B 400 -5.81 18.15 -1.52
N PRO B 401 -4.97 18.64 -2.44
CA PRO B 401 -4.77 20.07 -2.56
C PRO B 401 -6.00 20.68 -3.25
N GLY B 402 -6.38 21.87 -2.82
CA GLY B 402 -7.58 22.48 -3.42
C GLY B 402 -7.82 23.90 -2.98
N ASP B 403 -9.05 24.33 -3.22
CA ASP B 403 -9.53 25.69 -2.89
C ASP B 403 -10.63 25.57 -1.83
N PHE B 404 -10.59 26.45 -0.84
CA PHE B 404 -11.67 26.58 0.16
C PHE B 404 -12.09 28.05 0.23
N ASN B 405 -13.40 28.29 0.28
CA ASN B 405 -13.95 29.66 0.20
C ASN B 405 -14.85 29.94 1.41
N GLY B 406 -14.73 29.14 2.47
CA GLY B 406 -15.54 29.31 3.68
C GLY B 406 -16.71 28.34 3.78
N THR B 407 -17.15 27.75 2.68
CA THR B 407 -18.32 26.83 2.68
C THR B 407 -18.02 25.55 1.89
N HIS B 408 -17.22 25.65 0.84
CA HIS B 408 -16.95 24.53 -0.09
C HIS B 408 -15.44 24.31 -0.25
N PHE B 409 -14.99 23.07 -0.12
CA PHE B 409 -13.63 22.66 -0.53
C PHE B 409 -13.74 21.98 -1.88
N VAL B 410 -12.94 22.43 -2.83
CA VAL B 410 -12.91 21.84 -4.19
C VAL B 410 -11.48 21.39 -4.47
N ALA B 411 -11.26 20.10 -4.68
CA ALA B 411 -9.93 19.54 -5.01
C ALA B 411 -9.50 20.03 -6.38
N TYR B 412 -8.22 20.27 -6.56
CA TYR B 412 -7.65 20.71 -7.85
C TYR B 412 -7.76 19.61 -8.91
N ASP B 413 -7.84 18.35 -8.52
CA ASP B 413 -7.99 17.24 -9.49
C ASP B 413 -8.61 16.05 -8.75
N SER B 414 -8.70 14.91 -9.42
CA SER B 414 -9.41 13.73 -8.88
C SER B 414 -8.41 12.70 -8.33
N ALA B 415 -7.14 13.07 -8.10
CA ALA B 415 -6.10 12.07 -7.76
C ALA B 415 -6.14 11.78 -6.25
N ALA B 416 -5.66 10.60 -5.89
CA ALA B 416 -5.43 10.19 -4.48
C ALA B 416 -3.95 10.35 -4.18
N ARG B 417 -3.61 10.93 -3.03
CA ARG B 417 -2.20 11.18 -2.63
C ARG B 417 -1.99 10.75 -1.20
N ILE B 418 -1.03 9.86 -0.97
CA ILE B 418 -0.73 9.29 0.37
C ILE B 418 0.42 10.08 1.00
N ALA B 419 0.28 10.45 2.25
CA ALA B 419 1.16 11.42 2.93
C ALA B 419 2.53 10.80 3.28
N ASP B 420 2.53 9.56 3.73
CA ASP B 420 3.70 8.87 4.35
C ASP B 420 3.83 7.52 3.66
N PHE B 421 5.03 7.08 3.28
CA PHE B 421 5.16 5.84 2.44
C PHE B 421 5.35 4.60 3.32
N ALA B 422 5.25 4.71 4.64
CA ALA B 422 5.22 3.53 5.55
C ALA B 422 3.85 3.44 6.21
N LYS B 423 3.72 2.75 7.35
CA LYS B 423 2.35 2.46 7.86
C LYS B 423 2.15 2.99 9.28
N ASP B 424 3.10 3.70 9.90
CA ASP B 424 2.95 4.14 11.30
C ASP B 424 2.78 5.67 11.38
N ASN B 425 1.79 6.20 10.67
CA ASN B 425 1.50 7.65 10.66
C ASN B 425 0.00 7.83 10.44
N TYR B 426 -0.72 8.19 11.49
CA TYR B 426 -2.19 8.25 11.45
C TYR B 426 -2.70 9.44 12.26
N ALA B 427 -3.91 9.88 11.91
CA ALA B 427 -4.69 10.88 12.64
C ALA B 427 -3.89 12.17 12.83
N SER B 428 -3.07 12.53 11.85
CA SER B 428 -2.42 13.86 11.79
C SER B 428 -3.42 14.94 12.19
N GLN B 429 -3.04 15.81 13.13
CA GLN B 429 -3.86 17.00 13.42
C GLN B 429 -2.97 18.24 13.36
N TRP B 430 -3.49 19.29 12.75
CA TRP B 430 -2.77 20.59 12.63
C TRP B 430 -3.07 21.45 13.86
N PHE B 431 -2.05 22.16 14.35
CA PHE B 431 -2.20 23.08 15.50
C PHE B 431 -2.97 24.30 15.01
N ALA B 432 -4.07 24.62 15.69
CA ALA B 432 -4.83 25.87 15.51
C ALA B 432 -4.04 27.04 16.08
N ASP B 433 -4.33 28.23 15.55
CA ASP B 433 -3.92 29.55 16.10
C ASP B 433 -2.43 29.74 15.91
N THR B 434 -1.89 29.21 14.83
CA THR B 434 -0.55 29.55 14.34
C THR B 434 -0.71 30.74 13.40
N GLU B 435 0.40 31.39 13.06
CA GLU B 435 0.42 32.64 12.27
C GLU B 435 0.49 32.29 10.78
N ASN B 436 0.45 33.31 9.94
CA ASN B 436 0.59 33.16 8.47
C ASN B 436 1.94 32.51 8.15
N GLY B 437 1.93 31.57 7.21
CA GLY B 437 3.15 30.92 6.71
C GLY B 437 3.60 29.77 7.59
N GLU B 438 2.90 29.49 8.70
CA GLU B 438 3.26 28.37 9.61
C GLU B 438 2.17 27.30 9.56
N SER B 439 2.54 26.10 9.13
CA SER B 439 1.63 24.94 9.17
C SER B 439 2.28 23.89 10.05
N ILE B 440 1.73 23.64 11.24
CA ILE B 440 2.34 22.72 12.25
C ILE B 440 1.40 21.57 12.51
N SER B 441 1.90 20.34 12.43
CA SER B 441 1.06 19.15 12.64
C SER B 441 1.80 18.11 13.46
N ILE B 442 1.05 17.18 14.00
CA ILE B 442 1.61 16.01 14.71
C ILE B 442 0.68 14.85 14.43
N ALA B 443 1.23 13.65 14.38
CA ALA B 443 0.45 12.44 14.09
C ALA B 443 0.68 11.43 15.20
N TRP B 444 -0.22 10.47 15.28
CA TRP B 444 -0.06 9.25 16.12
C TRP B 444 0.84 8.28 15.34
N ALA B 445 2.00 7.94 15.87
CA ALA B 445 3.01 7.12 15.15
C ALA B 445 2.72 5.64 15.40
N SER B 446 1.62 5.15 14.85
CA SER B 446 1.24 3.75 15.00
C SER B 446 0.26 3.36 13.89
N ASN B 447 -0.22 2.11 13.97
CA ASN B 447 -1.15 1.53 12.99
C ASN B 447 -2.18 0.73 13.78
N TRP B 448 -3.46 0.96 13.50
CA TRP B 448 -4.55 0.26 14.20
C TRP B 448 -4.44 -1.26 14.09
N GLN B 449 -3.71 -1.82 13.13
CA GLN B 449 -3.64 -3.30 13.01
C GLN B 449 -2.79 -3.89 14.14
N TYR B 450 -1.88 -3.16 14.77
CA TYR B 450 -1.03 -3.76 15.82
C TYR B 450 -0.73 -2.81 16.97
N THR B 451 -1.28 -1.61 16.99
CA THR B 451 -1.05 -0.60 18.05
C THR B 451 -1.40 -1.16 19.42
N GLN B 452 -2.46 -1.96 19.54
CA GLN B 452 -2.89 -2.49 20.85
C GLN B 452 -2.10 -3.74 21.24
N GLN B 453 -1.16 -4.22 20.40
CA GLN B 453 -0.41 -5.48 20.61
C GLN B 453 1.12 -5.21 20.69
N VAL B 454 1.57 -3.97 20.48
CA VAL B 454 3.02 -3.65 20.50
C VAL B 454 3.60 -3.96 21.88
N PRO B 455 4.86 -4.46 21.95
CA PRO B 455 5.39 -4.96 23.22
C PRO B 455 5.98 -3.85 24.12
N THR B 456 5.17 -2.86 24.50
CA THR B 456 5.61 -1.74 25.35
C THR B 456 4.83 -1.63 26.65
N SER B 457 3.73 -2.36 26.83
CA SER B 457 2.91 -2.26 28.07
C SER B 457 3.76 -2.62 29.31
N ALA B 458 4.74 -3.50 29.19
CA ALA B 458 5.66 -3.82 30.31
C ALA B 458 6.59 -2.63 30.59
N GLN B 459 6.60 -1.61 29.72
CA GLN B 459 7.37 -0.36 29.92
C GLN B 459 6.42 0.81 30.19
N ALA B 460 5.16 0.50 30.53
CA ALA B 460 4.16 1.39 31.15
C ALA B 460 3.41 2.24 30.11
N PHE B 461 3.53 1.98 28.82
CA PHE B 461 2.83 2.83 27.82
C PHE B 461 2.51 2.03 26.58
N ARG B 462 1.51 2.50 25.85
CA ARG B 462 1.33 2.12 24.44
C ARG B 462 1.07 3.41 23.65
N SER B 463 1.93 3.65 22.66
CA SER B 463 1.78 4.63 21.57
C SER B 463 2.64 5.85 21.87
N ALA B 464 3.18 6.39 20.81
CA ALA B 464 3.89 7.68 20.80
C ALA B 464 3.35 8.50 19.64
N MET B 465 3.48 9.81 19.77
CA MET B 465 3.22 10.73 18.64
C MET B 465 4.44 10.68 17.74
N SER B 466 4.25 11.06 16.49
CA SER B 466 5.37 11.33 15.55
C SER B 466 6.18 12.52 16.07
N LEU B 467 7.33 12.75 15.45
CA LEU B 467 7.99 14.06 15.57
C LEU B 467 6.95 15.12 15.21
N PRO B 468 6.99 16.29 15.86
CA PRO B 468 6.17 17.43 15.45
C PRO B 468 6.64 17.81 14.05
N ARG B 469 5.74 18.26 13.20
CA ARG B 469 6.03 18.45 11.76
C ARG B 469 5.73 19.88 11.32
N ARG B 470 6.55 20.38 10.44
CA ARG B 470 6.22 21.62 9.72
C ARG B 470 5.84 21.21 8.30
N ASN B 471 4.72 21.70 7.80
CA ASN B 471 4.20 21.26 6.48
C ASN B 471 4.33 22.38 5.46
N TYR B 472 4.61 21.99 4.22
CA TYR B 472 4.58 22.84 3.01
C TYR B 472 3.92 22.05 1.88
N LEU B 473 3.52 22.77 0.85
CA LEU B 473 3.12 22.21 -0.45
C LEU B 473 4.22 22.54 -1.44
N THR B 474 4.50 21.61 -2.33
CA THR B 474 5.45 21.86 -3.42
C THR B 474 5.01 21.06 -4.63
N ASN B 475 5.64 21.33 -5.76
CA ASN B 475 5.54 20.47 -6.96
C ASN B 475 6.84 19.70 -7.06
N ILE B 476 6.73 18.37 -7.12
CA ILE B 476 7.91 17.50 -7.40
C ILE B 476 7.86 17.12 -8.87
N THR B 477 9.02 16.77 -9.39
CA THR B 477 9.16 16.40 -10.81
C THR B 477 8.11 15.36 -11.20
N ARG B 478 7.40 15.66 -12.28
CA ARG B 478 6.38 14.79 -12.95
C ARG B 478 5.10 14.66 -12.11
N LEU B 479 5.19 14.25 -10.84
CA LEU B 479 4.01 13.89 -10.02
C LEU B 479 3.24 15.16 -9.64
N GLY B 480 3.93 16.30 -9.57
CA GLY B 480 3.29 17.60 -9.28
C GLY B 480 3.05 17.75 -7.79
N TRP B 481 1.78 17.96 -7.39
CA TRP B 481 1.46 18.38 -6.01
C TRP B 481 2.01 17.37 -5.02
N ASP B 482 2.52 17.87 -3.91
CA ASP B 482 3.14 17.02 -2.88
C ASP B 482 3.06 17.73 -1.54
N LEU B 483 2.65 16.98 -0.52
CA LEU B 483 2.66 17.46 0.87
C LEU B 483 4.06 17.25 1.44
N VAL B 484 4.74 18.35 1.75
CA VAL B 484 6.08 18.32 2.39
C VAL B 484 5.89 18.20 3.89
N SER B 485 6.65 17.30 4.52
CA SER B 485 6.68 17.14 5.98
C SER B 485 8.14 17.20 6.43
N LEU B 486 8.46 18.11 7.34
CA LEU B 486 9.84 18.19 7.88
C LEU B 486 9.73 18.22 9.39
N PRO B 487 10.76 17.73 10.13
CA PRO B 487 10.70 17.78 11.58
C PRO B 487 10.69 19.24 12.04
N TYR B 488 9.81 19.58 12.96
CA TYR B 488 9.83 20.89 13.65
C TYR B 488 11.20 21.08 14.31
N ASP B 489 11.74 22.28 14.23
CA ASP B 489 13.11 22.66 14.68
C ASP B 489 13.62 21.71 15.78
N LEU B 490 14.59 20.86 15.45
CA LEU B 490 15.13 19.84 16.39
C LEU B 490 16.24 20.41 17.28
N SER B 491 16.66 21.66 17.08
CA SER B 491 17.80 22.27 17.81
C SER B 491 17.71 22.04 19.31
N PRO B 492 16.55 22.17 19.98
CA PRO B 492 16.52 22.02 21.43
C PRO B 492 16.89 20.62 21.96
N VAL B 493 16.91 19.59 21.12
CA VAL B 493 17.24 18.20 21.60
C VAL B 493 18.52 17.70 20.93
N VAL B 494 19.15 18.48 20.06
CA VAL B 494 20.37 17.99 19.38
C VAL B 494 21.53 18.07 20.37
N GLY B 495 22.21 16.93 20.57
CA GLY B 495 23.39 16.84 21.43
C GLY B 495 24.66 16.75 20.61
N PRO B 496 25.71 16.15 21.20
CA PRO B 496 27.03 16.15 20.58
C PRO B 496 27.08 15.46 19.22
N SER B 497 27.93 15.97 18.33
CA SER B 497 28.25 15.33 17.04
C SER B 497 28.95 13.99 17.30
N LEU B 498 28.49 12.95 16.63
CA LEU B 498 29.12 11.60 16.73
C LEU B 498 30.01 11.39 15.51
N LEU B 499 29.67 12.01 14.39
CA LEU B 499 30.48 11.92 13.17
C LEU B 499 30.13 13.07 12.25
N SER B 500 31.16 13.64 11.63
CA SER B 500 31.02 14.60 10.52
C SER B 500 31.95 14.10 9.39
N SER B 501 31.42 13.78 8.20
CA SER B 501 32.28 13.22 7.13
C SER B 501 31.93 13.83 5.77
N SER B 502 32.96 14.03 4.94
CA SER B 502 32.83 14.40 3.52
C SER B 502 33.28 13.26 2.63
N GLU B 503 33.45 12.06 3.18
CA GLU B 503 33.99 10.92 2.40
C GLU B 503 32.89 10.35 1.51
N ALA B 504 33.14 10.24 0.21
CA ALA B 504 32.28 9.55 -0.78
C ALA B 504 32.82 8.14 -1.03
N ASN B 505 31.94 7.21 -1.44
CA ASN B 505 32.28 5.80 -1.74
C ASN B 505 32.93 5.12 -0.53
N SER B 506 32.36 5.31 0.64
CA SER B 506 32.96 4.82 1.89
C SER B 506 31.86 4.30 2.78
N THR B 507 32.25 3.67 3.87
CA THR B 507 31.31 3.18 4.90
C THR B 507 31.75 3.81 6.22
N ALA B 508 30.84 4.53 6.85
CA ALA B 508 31.07 5.20 8.14
C ALA B 508 30.33 4.40 9.19
N ASP B 509 31.04 3.95 10.23
CA ASP B 509 30.44 3.23 11.37
C ASP B 509 30.31 4.23 12.52
N VAL B 510 29.10 4.40 13.04
CA VAL B 510 28.81 5.34 14.15
C VAL B 510 28.28 4.52 15.32
N ASP B 511 29.10 4.38 16.35
CA ASP B 511 28.72 3.68 17.60
C ASP B 511 28.05 4.73 18.49
N PHE B 512 26.87 4.45 19.04
CA PHE B 512 26.21 5.39 19.98
C PHE B 512 25.84 4.68 21.27
N THR B 513 26.67 3.73 21.68
CA THR B 513 26.48 3.04 22.97
C THR B 513 26.66 4.02 24.13
N ASN B 514 27.42 5.11 23.93
CA ASN B 514 27.60 6.21 24.93
C ASN B 514 26.40 7.17 24.99
N VAL B 515 25.54 7.19 23.96
CA VAL B 515 24.37 8.10 23.88
C VAL B 515 23.24 7.51 24.72
N THR B 516 23.06 8.00 25.93
CA THR B 516 22.12 7.40 26.91
C THR B 516 20.68 7.53 26.42
N SER B 517 20.36 8.54 25.60
CA SER B 517 19.00 8.69 25.02
C SER B 517 18.66 7.50 24.12
N ASN B 518 19.68 6.84 23.54
CA ASN B 518 19.53 5.80 22.51
C ASN B 518 18.72 6.42 21.35
N ALA B 519 18.98 7.68 21.06
CA ALA B 519 18.29 8.44 20.00
C ALA B 519 19.33 9.24 19.23
N VAL B 520 19.20 9.28 17.92
CA VAL B 520 20.18 9.96 17.05
C VAL B 520 19.45 10.68 15.94
N TRP B 521 20.10 11.72 15.44
CA TRP B 521 19.68 12.43 14.21
C TRP B 521 20.79 12.25 13.20
N PHE B 522 20.45 12.15 11.93
CA PHE B 522 21.48 12.16 10.87
C PHE B 522 20.97 12.95 9.68
N SER B 523 21.92 13.48 8.95
CA SER B 523 21.65 14.24 7.71
C SER B 523 22.71 13.82 6.70
N LEU B 524 22.27 13.40 5.54
CA LEU B 524 23.16 12.99 4.43
C LEU B 524 22.75 13.80 3.22
N ASN B 525 23.67 14.61 2.71
CA ASN B 525 23.51 15.33 1.43
C ASN B 525 24.41 14.68 0.40
N VAL B 526 23.89 14.57 -0.81
CA VAL B 526 24.64 14.07 -1.99
C VAL B 526 24.42 15.07 -3.11
N THR B 527 25.51 15.58 -3.66
CA THR B 527 25.47 16.50 -4.81
C THR B 527 26.17 15.77 -5.96
N LEU B 528 25.39 15.34 -6.95
CA LEU B 528 25.95 14.73 -8.17
C LEU B 528 26.62 15.82 -9.01
N PRO B 529 27.68 15.48 -9.76
CA PRO B 529 28.26 16.39 -10.75
C PRO B 529 27.22 16.71 -11.85
N ASP B 530 27.29 17.93 -12.39
CA ASP B 530 26.34 18.43 -13.42
C ASP B 530 26.25 17.44 -14.59
N ALA B 531 27.38 16.87 -15.01
CA ALA B 531 27.43 15.87 -16.12
C ALA B 531 26.48 14.71 -15.81
N ALA B 532 26.42 14.25 -14.56
CA ALA B 532 25.55 13.13 -14.10
C ALA B 532 24.09 13.58 -14.08
N ILE B 533 23.83 14.84 -13.72
CA ILE B 533 22.45 15.42 -13.72
C ILE B 533 21.98 15.55 -15.17
N GLN B 534 22.83 16.06 -16.06
CA GLN B 534 22.49 16.32 -17.48
C GLN B 534 22.42 15.01 -18.28
N ASN B 535 23.24 14.01 -17.94
CA ASN B 535 23.22 12.67 -18.58
C ASN B 535 23.28 11.61 -17.48
N ALA B 536 22.13 11.00 -17.17
CA ALA B 536 21.98 10.03 -16.06
C ALA B 536 22.59 8.68 -16.46
N SER B 537 22.87 8.47 -17.75
CA SER B 537 23.53 7.23 -18.25
C SER B 537 24.99 7.18 -17.81
N LEU B 538 25.54 8.26 -17.24
CA LEU B 538 26.93 8.27 -16.71
C LEU B 538 26.94 7.75 -15.26
N ILE B 539 25.78 7.48 -14.66
CA ILE B 539 25.72 6.93 -13.28
C ILE B 539 25.82 5.41 -13.36
N SER B 540 26.74 4.83 -12.59
CA SER B 540 26.92 3.36 -12.50
C SER B 540 25.64 2.72 -11.94
N ALA B 541 25.32 1.49 -12.39
CA ALA B 541 24.16 0.71 -11.90
C ALA B 541 24.29 0.46 -10.39
N ASP B 542 25.52 0.52 -9.85
CA ASP B 542 25.83 0.18 -8.44
C ASP B 542 25.76 1.43 -7.55
N ALA B 543 25.62 2.63 -8.13
CA ALA B 543 25.51 3.90 -7.37
C ALA B 543 24.37 3.76 -6.38
N SER B 544 24.67 3.75 -5.08
CA SER B 544 23.67 3.44 -4.04
C SER B 544 24.07 4.01 -2.68
N ILE B 545 23.09 4.05 -1.79
CA ILE B 545 23.27 4.40 -0.36
C ILE B 545 22.64 3.30 0.47
N ASN B 546 23.35 2.83 1.49
CA ASN B 546 22.79 1.90 2.50
C ASN B 546 23.02 2.48 3.89
N ILE B 547 21.94 2.56 4.66
CA ILE B 547 21.98 2.91 6.09
C ILE B 547 21.43 1.72 6.86
N THR B 548 22.18 1.27 7.86
CA THR B 548 21.76 0.14 8.70
C THR B 548 21.90 0.57 10.15
N PHE B 549 20.89 0.24 10.94
CA PHE B 549 20.90 0.41 12.41
C PHE B 549 21.16 -0.98 12.98
N LEU B 550 22.26 -1.13 13.73
CA LEU B 550 22.77 -2.46 14.14
C LEU B 550 22.61 -2.64 15.64
N PRO B 551 22.28 -3.87 16.08
CA PRO B 551 22.00 -4.11 17.49
C PRO B 551 23.25 -3.88 18.34
N SER B 552 23.04 -3.42 19.56
CA SER B 552 24.10 -3.26 20.60
C SER B 552 24.66 -4.64 20.96
N THR B 553 25.98 -4.72 21.09
CA THR B 553 26.64 -5.90 21.72
C THR B 553 26.66 -5.69 23.23
N LYS B 554 26.60 -4.43 23.67
CA LYS B 554 26.76 -4.06 25.10
C LYS B 554 25.44 -4.30 25.84
N CYS B 555 24.29 -4.15 25.18
CA CYS B 555 22.97 -4.24 25.85
C CYS B 555 22.13 -5.32 25.18
N SER B 556 22.77 -6.35 24.63
CA SER B 556 22.12 -7.40 23.80
C SER B 556 21.23 -8.29 24.69
N SER B 557 20.05 -8.67 24.19
CA SER B 557 19.19 -9.67 24.87
C SER B 557 19.66 -11.07 24.48
N SER B 558 19.81 -11.96 25.46
CA SER B 558 20.11 -13.39 25.23
C SER B 558 18.82 -14.14 24.89
N SER B 559 17.65 -13.50 25.07
CA SER B 559 16.31 -14.13 24.95
C SER B 559 15.71 -13.92 23.57
N GLY B 560 16.10 -12.84 22.88
CA GLY B 560 15.59 -12.52 21.54
C GLY B 560 16.19 -13.44 20.48
N SER B 561 16.44 -12.91 19.29
CA SER B 561 16.89 -13.72 18.12
C SER B 561 18.35 -14.14 18.31
N GLY B 562 19.19 -13.33 18.96
CA GLY B 562 20.65 -13.50 18.99
C GLY B 562 21.23 -13.15 17.63
N SER B 563 20.40 -12.54 16.79
CA SER B 563 20.72 -12.21 15.38
C SER B 563 21.64 -11.00 15.40
N ASP B 564 22.52 -10.89 14.40
CA ASP B 564 23.24 -9.64 14.08
C ASP B 564 22.43 -8.84 13.05
N SER B 565 21.20 -9.28 12.73
CA SER B 565 20.32 -8.58 11.77
C SER B 565 20.20 -7.12 12.17
N PRO B 566 20.33 -6.17 11.21
CA PRO B 566 19.96 -4.79 11.48
C PRO B 566 18.53 -4.67 12.04
N ALA B 567 18.28 -3.71 12.91
CA ALA B 567 16.93 -3.39 13.41
C ALA B 567 16.14 -2.64 12.32
N ALA B 568 16.85 -1.98 11.42
CA ALA B 568 16.23 -1.10 10.39
C ALA B 568 17.27 -0.79 9.34
N THR B 569 16.83 -0.71 8.09
CA THR B 569 17.71 -0.48 6.94
C THR B 569 17.06 0.51 6.00
N LEU B 570 17.88 1.27 5.30
CA LEU B 570 17.43 2.13 4.21
C LEU B 570 18.38 1.89 3.06
N THR B 571 17.81 1.64 1.89
CA THR B 571 18.58 1.38 0.66
C THR B 571 18.04 2.29 -0.44
N TYR B 572 18.93 2.96 -1.16
CA TYR B 572 18.51 3.75 -2.34
C TYR B 572 19.45 3.50 -3.50
N PHE B 573 18.87 3.37 -4.70
CA PHE B 573 19.63 3.18 -5.95
C PHE B 573 19.46 4.41 -6.84
N TYR B 574 20.59 4.98 -7.29
CA TYR B 574 20.60 6.15 -8.20
C TYR B 574 20.21 5.68 -9.60
N ALA B 575 20.57 4.44 -9.96
CA ALA B 575 20.35 3.90 -11.30
C ALA B 575 20.06 2.39 -11.24
N GLY B 576 20.44 1.64 -12.29
CA GLY B 576 20.28 0.19 -12.36
C GLY B 576 18.82 -0.17 -12.63
N LEU B 577 18.44 -1.40 -12.32
CA LEU B 577 17.10 -1.95 -12.69
C LEU B 577 16.01 -1.32 -11.83
N THR B 578 16.31 -0.92 -10.60
CA THR B 578 15.35 -0.26 -9.68
C THR B 578 15.80 1.18 -9.46
N ASN B 579 15.93 1.95 -10.52
CA ASN B 579 16.46 3.33 -10.44
C ASN B 579 15.47 4.23 -9.70
N GLY B 580 15.97 4.95 -8.69
CA GLY B 580 15.17 5.89 -7.88
C GLY B 580 14.49 5.20 -6.73
N ALA B 581 14.56 3.88 -6.64
CA ALA B 581 13.83 3.10 -5.61
C ALA B 581 14.53 3.25 -4.25
N LEU B 582 13.75 3.66 -3.25
CA LEU B 582 14.20 3.78 -1.85
C LEU B 582 13.41 2.77 -1.03
N ALA B 583 14.12 1.88 -0.36
CA ALA B 583 13.54 0.85 0.52
C ALA B 583 13.86 1.21 1.95
N LEU B 584 12.84 1.13 2.80
CA LEU B 584 12.99 1.29 4.25
C LEU B 584 12.44 0.01 4.88
N THR B 585 13.23 -0.64 5.71
CA THR B 585 12.87 -1.97 6.22
C THR B 585 13.15 -2.06 7.70
N ARG B 586 12.38 -2.93 8.36
CA ARG B 586 12.60 -3.41 9.73
C ARG B 586 12.65 -4.92 9.66
N PRO B 587 13.83 -5.53 9.41
CA PRO B 587 13.93 -6.97 9.22
C PRO B 587 13.22 -7.78 10.31
N ALA B 588 12.41 -8.74 9.86
CA ALA B 588 11.67 -9.66 10.76
C ALA B 588 12.68 -10.37 11.68
N ALA B 589 13.87 -10.71 11.18
CA ALA B 589 14.91 -11.46 11.93
C ALA B 589 15.37 -10.67 13.18
N SER B 590 15.12 -9.36 13.24
CA SER B 590 15.60 -8.51 14.36
C SER B 590 14.63 -8.57 15.53
N SER B 591 13.36 -8.95 15.29
CA SER B 591 12.27 -8.82 16.29
C SER B 591 11.45 -10.11 16.32
N SER B 592 11.48 -10.84 17.43
CA SER B 592 10.59 -12.00 17.67
C SER B 592 9.14 -11.56 17.56
N TRP B 593 8.80 -10.44 18.23
CA TRP B 593 7.42 -9.92 18.25
C TRP B 593 7.00 -9.55 16.83
N GLY B 594 7.85 -8.80 16.12
CA GLY B 594 7.52 -8.24 14.80
C GLY B 594 7.38 -9.35 13.77
N ALA B 595 8.25 -10.36 13.82
CA ALA B 595 8.21 -11.50 12.88
C ALA B 595 6.86 -12.21 13.02
N GLU B 596 6.40 -12.42 14.25
CA GLU B 596 5.19 -13.20 14.58
C GLU B 596 3.91 -12.39 14.32
N ASN B 597 3.94 -11.07 14.44
CA ASN B 597 2.71 -10.27 14.22
C ASN B 597 2.42 -10.29 12.72
N PRO B 598 1.23 -10.78 12.30
CA PRO B 598 0.96 -10.94 10.87
C PRO B 598 0.70 -9.62 10.12
N PHE B 599 0.52 -8.51 10.82
CA PHE B 599 0.29 -7.18 10.18
C PHE B 599 1.52 -6.28 10.22
N PHE B 600 2.59 -6.70 10.92
CA PHE B 600 3.80 -5.87 11.14
C PHE B 600 4.67 -6.00 9.90
N THR B 601 4.26 -5.31 8.85
CA THR B 601 4.91 -5.33 7.52
C THR B 601 6.39 -4.95 7.68
N ASP B 602 7.27 -5.65 6.97
CA ASP B 602 8.73 -5.52 7.16
C ASP B 602 9.33 -4.47 6.21
N LYS B 603 8.76 -4.28 5.03
CA LYS B 603 9.47 -3.50 3.98
C LYS B 603 8.52 -2.51 3.32
N PHE B 604 9.03 -1.29 3.14
CA PHE B 604 8.30 -0.13 2.55
C PHE B 604 9.20 0.49 1.51
N SER B 605 8.61 1.12 0.51
CA SER B 605 9.42 1.77 -0.53
C SER B 605 8.68 2.98 -1.10
N TYR B 606 9.49 3.88 -1.63
CA TYR B 606 9.06 5.05 -2.40
C TYR B 606 10.04 5.15 -3.55
N THR B 607 9.57 5.48 -4.73
CA THR B 607 10.46 5.63 -5.89
C THR B 607 10.54 7.10 -6.29
N LEU B 608 11.75 7.64 -6.26
CA LEU B 608 12.01 9.05 -6.64
C LEU B 608 12.04 9.13 -8.16
N VAL B 609 11.69 10.28 -8.71
CA VAL B 609 11.98 10.63 -10.12
C VAL B 609 13.32 11.37 -10.13
N ASP B 610 13.46 12.42 -9.34
CA ASP B 610 14.75 13.14 -9.19
C ASP B 610 15.73 12.32 -8.39
N PRO B 611 17.04 12.52 -8.57
CA PRO B 611 18.03 11.84 -7.72
C PRO B 611 17.83 12.21 -6.25
N LEU B 612 18.20 11.31 -5.34
CA LEU B 612 18.25 11.63 -3.91
C LEU B 612 19.38 12.65 -3.69
N THR B 613 19.07 13.82 -3.15
CA THR B 613 20.08 14.85 -2.84
C THR B 613 20.17 15.10 -1.34
N SER B 614 19.11 14.83 -0.59
CA SER B 614 19.15 15.01 0.88
C SER B 614 18.31 13.93 1.55
N LEU B 615 18.79 13.51 2.72
CA LEU B 615 18.10 12.54 3.57
C LEU B 615 18.38 12.94 5.01
N VAL B 616 17.31 13.08 5.78
CA VAL B 616 17.39 13.35 7.24
C VAL B 616 16.61 12.26 7.94
N GLY B 617 17.13 11.82 9.08
CA GLY B 617 16.46 10.81 9.89
C GLY B 617 16.62 11.04 11.36
N VAL B 618 15.65 10.56 12.12
CA VAL B 618 15.69 10.49 13.59
C VAL B 618 15.34 9.05 13.96
N PHE B 619 16.23 8.43 14.73
CA PHE B 619 15.97 7.13 15.39
C PHE B 619 15.83 7.44 16.86
N ASP B 620 14.77 6.94 17.47
CA ASP B 620 14.45 7.24 18.89
C ASP B 620 13.98 5.95 19.58
N ARG B 621 14.92 5.03 19.83
CA ARG B 621 14.72 3.79 20.63
C ARG B 621 13.83 2.79 19.90
N SER B 622 12.58 3.16 19.57
CA SER B 622 11.58 2.23 18.98
C SER B 622 10.92 2.84 17.74
N MET B 623 11.48 3.92 17.19
CA MET B 623 10.88 4.67 16.07
C MET B 623 11.99 5.18 15.16
N LEU B 624 11.72 5.16 13.86
CA LEU B 624 12.59 5.78 12.85
C LEU B 624 11.70 6.63 11.95
N GLU B 625 12.04 7.90 11.78
CA GLU B 625 11.39 8.77 10.78
C GLU B 625 12.44 9.24 9.79
N VAL B 626 12.11 9.22 8.52
CA VAL B 626 13.05 9.62 7.45
C VAL B 626 12.34 10.65 6.58
N PHE B 627 13.12 11.60 6.07
CA PHE B 627 12.66 12.75 5.29
C PHE B 627 13.59 12.85 4.10
N VAL B 628 13.03 12.79 2.90
CA VAL B 628 13.83 12.68 1.66
C VAL B 628 13.60 13.92 0.83
N ASN B 629 14.70 14.47 0.31
CA ASN B 629 14.70 15.62 -0.65
C ASN B 629 13.93 16.78 -0.03
N GLU B 630 14.40 17.25 1.13
CA GLU B 630 13.84 18.42 1.84
C GLU B 630 12.36 18.15 2.17
N GLY B 631 12.08 16.94 2.67
CA GLY B 631 10.75 16.58 3.20
C GLY B 631 9.73 16.31 2.10
N ALA B 632 10.15 16.25 0.84
CA ALA B 632 9.29 15.87 -0.30
C ALA B 632 8.62 14.52 -0.02
N HIS B 633 9.36 13.60 0.57
CA HIS B 633 8.85 12.24 0.91
C HIS B 633 9.24 11.96 2.36
N SER B 634 8.36 11.32 3.10
CA SER B 634 8.61 11.01 4.51
C SER B 634 7.97 9.68 4.86
N ALA B 635 8.52 9.04 5.87
CA ALA B 635 8.08 7.72 6.35
C ALA B 635 8.31 7.65 7.85
N THR B 636 7.30 7.14 8.56
CA THR B 636 7.34 6.91 10.01
C THR B 636 7.25 5.40 10.22
N MET B 637 8.23 4.81 10.88
CA MET B 637 8.28 3.34 11.05
C MET B 637 8.61 2.99 12.50
N LEU B 638 7.72 2.26 13.17
CA LEU B 638 8.03 1.67 14.49
C LEU B 638 8.98 0.49 14.29
N VAL B 639 9.84 0.26 15.28
CA VAL B 639 10.72 -0.94 15.30
C VAL B 639 10.77 -1.44 16.75
N PHE B 640 10.71 -2.76 16.94
CA PHE B 640 10.78 -3.37 18.28
C PHE B 640 11.84 -4.45 18.26
N PRO B 641 13.13 -4.08 18.05
CA PRO B 641 14.18 -5.09 17.95
C PRO B 641 14.36 -5.77 19.31
N ASP B 642 14.74 -7.06 19.29
CA ASP B 642 14.96 -7.83 20.54
C ASP B 642 16.08 -7.17 21.35
N SER B 643 17.11 -6.69 20.67
CA SER B 643 18.26 -5.97 21.27
C SER B 643 18.17 -4.51 20.88
N PRO B 644 18.50 -3.56 21.79
CA PRO B 644 18.50 -2.15 21.42
C PRO B 644 19.55 -1.89 20.33
N VAL B 645 19.26 -0.90 19.50
CA VAL B 645 20.22 -0.41 18.48
C VAL B 645 21.39 0.21 19.24
N GLY B 646 22.61 -0.10 18.81
CA GLY B 646 23.82 0.42 19.46
C GLY B 646 24.72 1.14 18.49
N SER B 647 24.43 1.04 17.19
CA SER B 647 25.32 1.63 16.17
C SER B 647 24.57 1.80 14.85
N MET B 648 25.14 2.61 13.95
CA MET B 648 24.61 2.69 12.58
C MET B 648 25.75 2.78 11.58
N LYS B 649 25.54 2.20 10.40
CA LYS B 649 26.48 2.29 9.26
C LYS B 649 25.80 3.06 8.13
N VAL B 650 26.56 3.97 7.55
CA VAL B 650 26.13 4.73 6.34
C VAL B 650 27.16 4.41 5.27
N ALA B 651 26.73 3.72 4.20
CA ALA B 651 27.61 3.33 3.09
C ALA B 651 27.12 4.03 1.83
N THR B 652 28.04 4.58 1.05
CA THR B 652 27.80 4.99 -0.33
C THR B 652 28.79 4.25 -1.21
N GLY B 653 28.41 4.02 -2.46
CA GLY B 653 29.24 3.25 -3.40
C GLY B 653 28.80 3.51 -4.81
N GLY B 654 29.73 3.38 -5.75
CA GLY B 654 29.47 3.50 -7.19
C GLY B 654 29.13 4.91 -7.61
N LEU B 655 29.33 5.89 -6.72
CA LEU B 655 28.93 7.28 -7.01
C LEU B 655 29.88 7.86 -8.06
N PRO B 656 29.36 8.62 -9.04
CA PRO B 656 30.20 9.14 -10.11
C PRO B 656 31.37 9.98 -9.57
N GLU B 657 32.46 10.00 -10.32
CA GLU B 657 33.64 10.84 -10.01
C GLU B 657 33.17 12.30 -9.89
N GLY B 658 33.50 12.95 -8.78
CA GLY B 658 33.17 14.37 -8.53
C GLY B 658 31.93 14.52 -7.66
N THR B 659 31.33 13.41 -7.21
CA THR B 659 30.12 13.45 -6.35
C THR B 659 30.52 13.93 -4.97
N GLN B 660 29.82 14.93 -4.44
CA GLN B 660 30.04 15.42 -3.06
C GLN B 660 29.04 14.74 -2.13
N VAL B 661 29.56 14.14 -1.06
CA VAL B 661 28.74 13.50 0.00
C VAL B 661 29.11 14.18 1.32
N ASN B 662 28.10 14.57 2.09
CA ASN B 662 28.30 15.16 3.44
C ASN B 662 27.34 14.46 4.41
N LEU B 663 27.91 13.87 5.45
CA LEU B 663 27.16 13.13 6.48
C LEU B 663 27.39 13.82 7.83
N GLN B 664 26.32 14.00 8.59
CA GLN B 664 26.36 14.50 9.97
C GLN B 664 25.48 13.59 10.82
N VAL B 665 25.99 13.17 11.97
CA VAL B 665 25.21 12.37 12.94
C VAL B 665 25.39 12.97 14.33
N ASN B 666 24.28 13.15 15.05
CA ASN B 666 24.26 13.74 16.40
C ASN B 666 23.47 12.84 17.34
N GLY B 667 23.96 12.71 18.56
CA GLY B 667 23.19 12.09 19.65
C GLY B 667 22.12 13.07 20.01
N LEU B 668 20.93 12.58 20.34
CA LEU B 668 19.85 13.46 20.81
C LEU B 668 19.82 13.39 22.33
N GLU B 669 19.35 14.47 22.95
CA GLU B 669 19.23 14.58 24.42
C GLU B 669 17.80 14.25 24.80
N SER B 670 17.61 13.36 25.76
CA SER B 670 16.29 12.99 26.28
C SER B 670 15.59 14.23 26.84
N THR B 671 14.28 14.31 26.61
CA THR B 671 13.40 15.40 27.09
C THR B 671 12.68 14.96 28.36
N TRP B 672 12.76 13.67 28.71
CA TRP B 672 12.01 13.07 29.84
C TRP B 672 12.93 12.86 31.04
N GLN B 673 14.23 12.76 30.78
CA GLN B 673 15.25 12.47 31.81
C GLN B 673 16.34 13.55 31.70
#